data_7YXO
#
_entry.id   7YXO
#
_cell.length_a   180.200
_cell.length_b   180.200
_cell.length_c   169.180
_cell.angle_alpha   90.000
_cell.angle_beta   90.000
_cell.angle_gamma   90.000
#
_symmetry.space_group_name_H-M   'I 41 2 2'
#
loop_
_entity.id
_entity.type
_entity.pdbx_description
1 polymer 'Ancestral Glucocorticoid Receptor2'
2 polymer 'SHP NR Box 1 Peptide'
3 non-polymer DEXAMETHASONE
4 non-polymer 3-[(3-CHOLAMIDOPROPYL)DIMETHYLAMMONIO]-1-PROPANESULFONATE
5 non-polymer 'SULFATE ION'
6 water water
#
loop_
_entity_poly.entity_id
_entity_poly.type
_entity_poly.pdbx_seq_one_letter_code
_entity_poly.pdbx_strand_id
1 'polypeptide(L)'
;FPTLISLLEVIEPEVLYSGYDSTLPDTSTRLMSTLNRLGGRQVVSAVKWAKALPGFRNLHLDDQMTLLQYSWMSLMAFSL
GWRSYKQSNGNMLCFAPDLVINEERMQLPYMYDQCQQMLKISSEFVRLQVSYDEYLCMKVLLLLSTVPKDGLKSQAVFDE
IRMTYIKELGKAIVKREGNSSQNWQRFYQLTKLLDSMHEMVGGLLQFCFYTFVNKSLSVEFPEMLAEIISNQLPKFKAGS
VKPLLFHQ
;
A,C,E
2 'polypeptide(L)' RPAILYALLSS B,D,F
#
loop_
_chem_comp.id
_chem_comp.type
_chem_comp.name
_chem_comp.formula
CPS non-polymer 3-[(3-CHOLAMIDOPROPYL)DIMETHYLAMMONIO]-1-PROPANESULFONATE 'C32 H58 N2 O7 S'
DEX non-polymer DEXAMETHASONE 'C22 H29 F O5'
SO4 non-polymer 'SULFATE ION' 'O4 S -2'
#
# COMPACT_ATOMS: atom_id res chain seq x y z
N PRO A 2 -23.40 -58.03 -3.32
CA PRO A 2 -22.68 -56.81 -2.90
C PRO A 2 -23.22 -55.63 -3.72
N THR A 3 -23.90 -54.71 -3.04
CA THR A 3 -24.77 -53.79 -3.77
C THR A 3 -23.99 -52.55 -4.22
N LEU A 4 -24.17 -52.15 -5.48
CA LEU A 4 -23.45 -50.99 -5.98
C LEU A 4 -23.56 -49.81 -5.01
N ILE A 5 -24.80 -49.42 -4.65
CA ILE A 5 -24.99 -48.22 -3.83
C ILE A 5 -24.32 -48.34 -2.46
N SER A 6 -24.28 -49.55 -1.89
CA SER A 6 -23.59 -49.75 -0.62
C SER A 6 -22.09 -49.70 -0.85
N LEU A 7 -21.67 -50.15 -2.04
CA LEU A 7 -20.26 -50.17 -2.42
C LEU A 7 -19.76 -48.74 -2.55
N LEU A 8 -20.57 -47.88 -3.17
CA LEU A 8 -20.27 -46.46 -3.23
C LEU A 8 -20.13 -45.94 -1.81
N GLU A 9 -20.97 -46.45 -0.92
CA GLU A 9 -21.01 -45.92 0.44
C GLU A 9 -19.67 -46.19 1.09
N VAL A 10 -18.99 -47.28 0.69
CA VAL A 10 -17.79 -47.66 1.40
C VAL A 10 -16.57 -46.87 0.88
N ILE A 11 -16.56 -46.51 -0.41
CA ILE A 11 -15.35 -45.95 -1.01
C ILE A 11 -15.31 -44.43 -0.85
N GLU A 12 -16.50 -43.80 -0.80
CA GLU A 12 -16.58 -42.37 -0.57
C GLU A 12 -15.53 -41.94 0.48
N PRO A 13 -14.61 -41.01 0.11
CA PRO A 13 -13.62 -40.48 1.06
C PRO A 13 -14.19 -39.91 2.34
N GLU A 14 -13.50 -40.20 3.45
CA GLU A 14 -13.79 -39.55 4.71
C GLU A 14 -13.02 -38.24 4.72
N VAL A 15 -13.42 -37.35 5.63
CA VAL A 15 -13.02 -35.97 5.41
C VAL A 15 -11.66 -35.71 6.05
N LEU A 16 -10.85 -35.00 5.29
CA LEU A 16 -9.52 -34.64 5.75
C LEU A 16 -9.66 -33.50 6.74
N TYR A 17 -8.69 -33.41 7.64
CA TYR A 17 -8.56 -32.22 8.46
C TYR A 17 -7.58 -31.27 7.79
N SER A 18 -7.81 -29.99 8.05
CA SER A 18 -6.95 -28.93 7.57
C SER A 18 -5.77 -28.80 8.52
N GLY A 19 -6.03 -29.05 9.81
CA GLY A 19 -5.02 -28.99 10.86
C GLY A 19 -4.52 -27.56 11.03
N TYR A 20 -5.48 -26.63 11.07
CA TYR A 20 -5.25 -25.22 10.83
C TYR A 20 -5.20 -24.48 12.15
N ASP A 21 -4.42 -23.40 12.13
CA ASP A 21 -4.26 -22.52 13.28
C ASP A 21 -5.23 -21.37 13.12
N SER A 22 -6.44 -21.54 13.66
CA SER A 22 -7.53 -20.59 13.46
C SER A 22 -7.34 -19.39 14.39
N THR A 23 -6.07 -19.14 14.72
CA THR A 23 -5.67 -18.02 15.56
C THR A 23 -4.52 -17.25 14.88
N THR A 27 -5.95 -14.22 8.46
CA THR A 27 -5.53 -13.46 7.24
C THR A 27 -6.25 -14.02 6.02
N SER A 28 -6.73 -13.10 5.18
CA SER A 28 -7.40 -13.45 3.92
C SER A 28 -6.47 -14.31 3.06
N THR A 29 -5.15 -14.23 3.27
CA THR A 29 -4.32 -14.97 2.33
C THR A 29 -3.91 -16.33 2.87
N ARG A 30 -3.62 -16.44 4.18
CA ARG A 30 -3.36 -17.75 4.74
C ARG A 30 -4.61 -18.60 4.55
N LEU A 31 -5.77 -17.97 4.71
CA LEU A 31 -7.01 -18.71 4.73
C LEU A 31 -7.17 -19.42 3.40
N MET A 32 -6.81 -18.73 2.31
CA MET A 32 -6.92 -19.29 0.98
C MET A 32 -5.79 -20.29 0.74
N SER A 33 -4.58 -19.89 1.15
CA SER A 33 -3.37 -20.67 1.05
C SER A 33 -3.44 -21.94 1.90
N THR A 34 -4.42 -22.02 2.79
CA THR A 34 -4.65 -23.24 3.54
C THR A 34 -5.55 -24.15 2.72
N LEU A 35 -6.63 -23.58 2.18
CA LEU A 35 -7.69 -24.30 1.50
C LEU A 35 -7.12 -25.02 0.29
N ASN A 36 -6.21 -24.33 -0.40
CA ASN A 36 -5.51 -24.93 -1.53
C ASN A 36 -4.65 -26.09 -1.03
N ARG A 37 -3.94 -25.86 0.08
CA ARG A 37 -3.08 -26.91 0.62
C ARG A 37 -3.96 -28.14 0.88
N LEU A 38 -5.06 -27.91 1.58
CA LEU A 38 -5.98 -28.98 1.92
C LEU A 38 -6.47 -29.60 0.63
N GLY A 39 -6.98 -28.73 -0.26
CA GLY A 39 -7.63 -29.18 -1.49
C GLY A 39 -6.79 -30.23 -2.20
N GLY A 40 -5.46 -30.03 -2.19
CA GLY A 40 -4.52 -30.86 -2.92
C GLY A 40 -4.64 -32.31 -2.45
N ARG A 41 -4.77 -32.45 -1.13
CA ARG A 41 -4.87 -33.76 -0.53
C ARG A 41 -6.24 -34.37 -0.85
N GLN A 42 -7.29 -33.53 -0.75
CA GLN A 42 -8.63 -33.98 -1.11
C GLN A 42 -8.62 -34.61 -2.51
N VAL A 43 -7.99 -33.91 -3.46
CA VAL A 43 -7.87 -34.39 -4.83
C VAL A 43 -7.12 -35.73 -4.87
N VAL A 44 -6.09 -35.86 -4.03
CA VAL A 44 -5.45 -37.16 -3.87
C VAL A 44 -6.53 -38.19 -3.54
N SER A 45 -7.27 -37.93 -2.46
CA SER A 45 -8.21 -38.91 -1.95
C SER A 45 -9.30 -39.17 -2.97
N ALA A 46 -9.63 -38.15 -3.75
CA ALA A 46 -10.68 -38.24 -4.74
C ALA A 46 -10.17 -39.06 -5.94
N VAL A 47 -8.84 -39.16 -6.06
CA VAL A 47 -8.27 -39.95 -7.13
C VAL A 47 -8.32 -41.41 -6.71
N LYS A 48 -8.11 -41.66 -5.40
CA LYS A 48 -8.10 -43.03 -4.93
C LYS A 48 -9.54 -43.53 -5.01
N TRP A 49 -10.48 -42.63 -4.68
CA TRP A 49 -11.91 -42.86 -4.86
C TRP A 49 -12.20 -43.11 -6.33
N ALA A 50 -11.53 -42.35 -7.20
CA ALA A 50 -11.74 -42.50 -8.62
C ALA A 50 -11.34 -43.90 -9.03
N LYS A 51 -10.12 -44.30 -8.69
CA LYS A 51 -9.65 -45.61 -9.13
C LYS A 51 -10.65 -46.68 -8.69
N ALA A 52 -11.15 -46.50 -7.46
CA ALA A 52 -12.07 -47.47 -6.89
C ALA A 52 -13.51 -47.19 -7.29
N LEU A 53 -13.71 -46.44 -8.38
CA LEU A 53 -15.03 -46.42 -8.99
C LEU A 53 -15.16 -47.63 -9.89
N PRO A 54 -16.19 -48.49 -9.68
CA PRO A 54 -16.53 -49.54 -10.64
C PRO A 54 -16.62 -48.91 -12.02
N GLY A 55 -15.90 -49.49 -12.99
CA GLY A 55 -16.09 -49.07 -14.37
C GLY A 55 -15.21 -47.88 -14.72
N PHE A 56 -14.80 -47.13 -13.69
CA PHE A 56 -13.84 -46.07 -13.90
C PHE A 56 -12.55 -46.62 -14.52
N ARG A 57 -12.06 -47.75 -13.99
CA ARG A 57 -10.80 -48.31 -14.48
C ARG A 57 -10.99 -48.85 -15.90
N ASN A 58 -12.26 -49.05 -16.27
CA ASN A 58 -12.60 -49.47 -17.62
C ASN A 58 -12.11 -48.42 -18.62
N LEU A 59 -12.21 -47.14 -18.25
CA LEU A 59 -11.91 -46.02 -19.13
C LEU A 59 -10.41 -45.95 -19.39
N HIS A 60 -10.03 -45.36 -20.54
CA HIS A 60 -8.64 -45.38 -20.97
C HIS A 60 -7.86 -44.29 -20.26
N LEU A 61 -6.59 -44.56 -19.93
CA LEU A 61 -5.69 -43.71 -19.15
C LEU A 61 -6.01 -42.23 -19.35
N ASP A 62 -5.89 -41.79 -20.61
CA ASP A 62 -5.99 -40.39 -20.93
C ASP A 62 -7.32 -39.85 -20.42
N ASP A 63 -8.39 -40.57 -20.73
CA ASP A 63 -9.73 -40.12 -20.38
C ASP A 63 -9.84 -39.90 -18.87
N GLN A 64 -9.12 -40.72 -18.09
CA GLN A 64 -9.17 -40.64 -16.64
C GLN A 64 -8.43 -39.38 -16.17
N MET A 65 -7.22 -39.21 -16.67
CA MET A 65 -6.49 -37.96 -16.50
C MET A 65 -7.47 -36.83 -16.77
N THR A 66 -8.22 -36.97 -17.87
CA THR A 66 -9.02 -35.87 -18.35
C THR A 66 -10.23 -35.65 -17.44
N LEU A 67 -11.07 -36.66 -17.28
CA LEU A 67 -12.30 -36.50 -16.51
C LEU A 67 -12.01 -35.89 -15.16
N LEU A 68 -10.90 -36.31 -14.55
CA LEU A 68 -10.51 -35.83 -13.23
C LEU A 68 -10.09 -34.36 -13.35
N GLN A 69 -9.22 -34.11 -14.33
CA GLN A 69 -8.70 -32.77 -14.57
C GLN A 69 -9.86 -31.80 -14.75
N TYR A 70 -10.94 -32.25 -15.34
CA TYR A 70 -12.03 -31.38 -15.75
C TYR A 70 -13.06 -31.22 -14.64
N SER A 71 -13.33 -32.30 -13.91
CA SER A 71 -14.44 -32.27 -12.97
C SER A 71 -13.92 -32.07 -11.55
N TRP A 72 -12.59 -32.13 -11.41
CA TRP A 72 -12.03 -32.11 -10.07
C TRP A 72 -12.63 -30.99 -9.24
N MET A 73 -12.66 -29.78 -9.77
CA MET A 73 -13.18 -28.69 -8.95
C MET A 73 -14.61 -29.03 -8.58
N SER A 74 -15.35 -29.54 -9.57
CA SER A 74 -16.78 -29.76 -9.42
C SER A 74 -17.02 -30.66 -8.21
N LEU A 75 -16.39 -31.83 -8.22
CA LEU A 75 -16.57 -32.81 -7.16
C LEU A 75 -16.23 -32.15 -5.83
N MET A 76 -15.13 -31.41 -5.79
CA MET A 76 -14.68 -30.80 -4.56
C MET A 76 -15.78 -29.88 -4.06
N ALA A 77 -16.34 -29.10 -5.01
CA ALA A 77 -17.33 -28.11 -4.65
C ALA A 77 -18.61 -28.77 -4.14
N PHE A 78 -19.06 -29.78 -4.89
CA PHE A 78 -20.27 -30.52 -4.58
C PHE A 78 -20.23 -31.01 -3.13
N SER A 79 -19.21 -31.83 -2.83
CA SER A 79 -19.01 -32.41 -1.52
C SER A 79 -18.92 -31.30 -0.47
N LEU A 80 -18.35 -30.16 -0.82
CA LEU A 80 -18.29 -29.12 0.20
C LEU A 80 -19.70 -28.66 0.51
N GLY A 81 -20.55 -28.72 -0.52
CA GLY A 81 -21.94 -28.38 -0.36
C GLY A 81 -22.61 -29.35 0.61
N TRP A 82 -22.32 -30.66 0.42
CA TRP A 82 -22.92 -31.70 1.23
C TRP A 82 -22.57 -31.50 2.69
N ARG A 83 -21.28 -31.32 2.97
CA ARG A 83 -20.82 -31.10 4.33
C ARG A 83 -21.57 -29.93 4.95
N SER A 84 -21.60 -28.80 4.23
CA SER A 84 -22.11 -27.55 4.76
C SER A 84 -23.61 -27.66 5.02
N TYR A 85 -24.24 -28.64 4.36
CA TYR A 85 -25.66 -28.93 4.46
C TYR A 85 -25.93 -29.79 5.69
N LYS A 86 -25.18 -30.90 5.80
CA LYS A 86 -25.42 -31.87 6.85
C LYS A 86 -24.92 -31.30 8.19
N GLN A 87 -24.00 -30.32 8.14
CA GLN A 87 -23.31 -29.94 9.36
C GLN A 87 -23.92 -28.71 10.03
N SER A 88 -24.42 -27.78 9.23
CA SER A 88 -24.93 -26.54 9.80
C SER A 88 -26.25 -26.14 9.15
N ASN A 89 -26.83 -27.10 8.41
CA ASN A 89 -28.15 -26.99 7.83
C ASN A 89 -28.18 -25.83 6.84
N GLY A 90 -26.98 -25.55 6.29
CA GLY A 90 -26.81 -24.60 5.20
C GLY A 90 -26.16 -23.31 5.68
N ASN A 91 -25.73 -23.32 6.95
CA ASN A 91 -25.55 -22.11 7.72
C ASN A 91 -24.12 -21.61 7.54
N MET A 92 -23.13 -22.50 7.67
CA MET A 92 -21.74 -22.08 7.48
C MET A 92 -21.10 -22.88 6.35
N LEU A 93 -19.86 -22.53 5.97
CA LEU A 93 -19.09 -23.33 5.04
C LEU A 93 -18.17 -24.25 5.83
N CYS A 94 -18.38 -25.56 5.67
CA CYS A 94 -17.60 -26.54 6.40
C CYS A 94 -16.65 -27.29 5.48
N PHE A 95 -15.40 -26.88 5.54
CA PHE A 95 -14.38 -27.39 4.66
C PHE A 95 -13.81 -28.65 5.28
N ALA A 96 -13.41 -28.49 6.54
CA ALA A 96 -13.01 -29.57 7.40
C ALA A 96 -13.65 -29.29 8.76
N PRO A 97 -13.71 -30.29 9.66
CA PRO A 97 -14.37 -30.11 10.94
C PRO A 97 -13.71 -29.04 11.80
N ASP A 98 -12.48 -28.64 11.45
CA ASP A 98 -11.81 -27.63 12.24
C ASP A 98 -12.02 -26.24 11.60
N LEU A 99 -12.23 -26.27 10.28
CA LEU A 99 -12.23 -25.06 9.48
C LEU A 99 -13.67 -24.83 9.03
N VAL A 100 -14.37 -24.04 9.85
CA VAL A 100 -15.73 -23.65 9.58
C VAL A 100 -15.71 -22.17 9.25
N ILE A 101 -16.30 -21.82 8.10
CA ILE A 101 -16.36 -20.43 7.69
C ILE A 101 -17.74 -19.86 8.01
N ASN A 102 -17.74 -18.97 9.01
CA ASN A 102 -18.88 -18.28 9.59
C ASN A 102 -18.99 -16.91 8.91
N GLU A 103 -19.88 -16.07 9.44
CA GLU A 103 -20.15 -14.81 8.77
C GLU A 103 -19.08 -13.78 9.09
N GLU A 104 -18.13 -14.12 9.96
CA GLU A 104 -17.12 -13.20 10.45
C GLU A 104 -15.91 -13.21 9.52
N ARG A 105 -15.48 -14.41 9.14
CA ARG A 105 -14.40 -14.56 8.17
C ARG A 105 -14.91 -14.41 6.73
N MET A 106 -16.23 -14.25 6.55
CA MET A 106 -16.81 -13.95 5.24
C MET A 106 -16.54 -12.48 4.90
N GLN A 107 -16.22 -11.72 5.95
CA GLN A 107 -16.10 -10.28 5.81
C GLN A 107 -14.61 -9.99 5.60
N LEU A 108 -13.80 -11.01 5.89
CA LEU A 108 -12.48 -11.08 5.32
C LEU A 108 -12.53 -10.68 3.86
N PRO A 109 -11.62 -9.75 3.51
CA PRO A 109 -11.41 -9.27 2.15
C PRO A 109 -11.33 -10.35 1.08
N TYR A 110 -11.94 -10.05 -0.06
CA TYR A 110 -11.64 -10.70 -1.32
C TYR A 110 -12.62 -11.81 -1.65
N MET A 111 -13.57 -12.10 -0.78
CA MET A 111 -13.67 -13.40 -0.12
C MET A 111 -15.14 -13.69 0.07
N TYR A 112 -15.88 -12.68 0.55
CA TYR A 112 -17.33 -12.64 0.40
C TYR A 112 -17.73 -13.31 -0.92
N ASP A 113 -17.15 -12.80 -2.01
CA ASP A 113 -17.55 -13.13 -3.37
C ASP A 113 -17.68 -14.64 -3.56
N GLN A 114 -16.53 -15.30 -3.50
CA GLN A 114 -16.40 -16.68 -3.95
C GLN A 114 -17.19 -17.58 -3.02
N CYS A 115 -17.35 -17.15 -1.77
CA CYS A 115 -17.92 -18.01 -0.74
C CYS A 115 -19.43 -18.04 -0.76
N GLN A 116 -20.04 -17.01 -1.33
CA GLN A 116 -21.47 -17.01 -1.51
C GLN A 116 -21.83 -18.20 -2.40
N GLN A 117 -20.98 -18.47 -3.39
CA GLN A 117 -21.41 -19.38 -4.45
C GLN A 117 -21.15 -20.81 -3.99
N MET A 118 -20.25 -20.96 -3.03
CA MET A 118 -20.00 -22.22 -2.37
C MET A 118 -21.16 -22.54 -1.43
N LEU A 119 -21.77 -21.49 -0.85
CA LEU A 119 -22.93 -21.69 0.00
C LEU A 119 -24.19 -21.89 -0.84
N LYS A 120 -24.14 -21.53 -2.11
CA LYS A 120 -25.34 -21.55 -2.94
C LYS A 120 -25.56 -22.96 -3.45
N ILE A 121 -24.45 -23.68 -3.65
CA ILE A 121 -24.50 -25.09 -3.94
C ILE A 121 -25.21 -25.76 -2.77
N SER A 122 -24.69 -25.51 -1.57
CA SER A 122 -25.25 -26.12 -0.38
C SER A 122 -26.73 -25.78 -0.30
N SER A 123 -27.06 -24.53 -0.69
CA SER A 123 -28.43 -24.08 -0.63
C SER A 123 -29.31 -25.04 -1.43
N GLU A 124 -28.76 -25.57 -2.51
CA GLU A 124 -29.50 -26.43 -3.40
C GLU A 124 -29.84 -27.72 -2.67
N PHE A 125 -28.91 -28.16 -1.81
CA PHE A 125 -29.09 -29.41 -1.09
C PHE A 125 -30.16 -29.24 -0.04
N VAL A 126 -30.27 -28.00 0.45
CA VAL A 126 -31.20 -27.66 1.51
C VAL A 126 -32.62 -27.73 0.94
N ARG A 127 -32.83 -26.96 -0.13
CA ARG A 127 -34.11 -26.80 -0.82
C ARG A 127 -34.64 -28.17 -1.27
N LEU A 128 -33.73 -29.12 -1.54
CA LEU A 128 -34.14 -30.34 -2.21
C LEU A 128 -34.19 -31.53 -1.26
N GLN A 129 -33.66 -31.35 -0.04
CA GLN A 129 -33.51 -32.46 0.91
C GLN A 129 -32.96 -33.68 0.18
N VAL A 130 -31.68 -33.64 -0.16
CA VAL A 130 -31.02 -34.76 -0.79
C VAL A 130 -30.59 -35.76 0.29
N SER A 131 -30.87 -37.04 0.04
CA SER A 131 -30.38 -38.13 0.87
C SER A 131 -28.94 -38.48 0.48
N TYR A 132 -28.31 -39.31 1.29
CA TYR A 132 -26.93 -39.74 1.07
C TYR A 132 -26.78 -40.57 -0.21
N ASP A 133 -27.62 -41.59 -0.42
CA ASP A 133 -27.47 -42.44 -1.59
C ASP A 133 -27.53 -41.62 -2.88
N GLU A 134 -28.40 -40.59 -2.86
CA GLU A 134 -28.59 -39.71 -3.99
C GLU A 134 -27.29 -38.97 -4.29
N TYR A 135 -26.78 -38.29 -3.26
CA TYR A 135 -25.51 -37.55 -3.29
C TYR A 135 -24.43 -38.38 -3.96
N LEU A 136 -24.16 -39.56 -3.38
CA LEU A 136 -23.10 -40.41 -3.90
C LEU A 136 -23.29 -40.57 -5.40
N CYS A 137 -24.53 -40.85 -5.83
CA CYS A 137 -24.79 -41.26 -7.20
C CYS A 137 -24.52 -40.10 -8.16
N MET A 138 -24.94 -38.89 -7.75
CA MET A 138 -24.79 -37.70 -8.57
C MET A 138 -23.30 -37.39 -8.72
N LYS A 139 -22.59 -37.46 -7.59
CA LYS A 139 -21.19 -37.10 -7.58
C LYS A 139 -20.47 -37.94 -8.62
N VAL A 140 -20.87 -39.21 -8.74
CA VAL A 140 -20.20 -40.07 -9.69
C VAL A 140 -20.37 -39.42 -11.06
N LEU A 141 -21.54 -38.80 -11.28
CA LEU A 141 -21.85 -38.21 -12.56
C LEU A 141 -20.99 -36.98 -12.85
N LEU A 142 -20.97 -36.02 -11.92
CA LEU A 142 -20.09 -34.87 -12.03
C LEU A 142 -18.74 -35.27 -12.62
N LEU A 143 -18.24 -36.42 -12.18
CA LEU A 143 -16.97 -36.88 -12.69
C LEU A 143 -17.10 -37.13 -14.19
N LEU A 144 -18.29 -37.52 -14.61
CA LEU A 144 -18.53 -37.79 -16.02
C LEU A 144 -19.40 -36.69 -16.64
N SER A 145 -19.32 -35.48 -16.12
CA SER A 145 -20.22 -34.47 -16.63
C SER A 145 -19.48 -33.40 -17.44
N THR A 146 -18.14 -33.41 -17.34
CA THR A 146 -17.34 -32.37 -17.96
C THR A 146 -16.31 -33.02 -18.88
N VAL A 147 -16.46 -32.74 -20.18
CA VAL A 147 -15.73 -33.45 -21.21
C VAL A 147 -15.25 -32.46 -22.28
N PRO A 148 -14.15 -32.78 -23.00
CA PRO A 148 -13.69 -31.96 -24.11
C PRO A 148 -14.78 -31.75 -25.16
N LYS A 149 -14.65 -30.64 -25.91
CA LYS A 149 -15.52 -30.34 -27.04
C LYS A 149 -15.27 -31.33 -28.18
N ASP A 150 -14.05 -31.88 -28.25
CA ASP A 150 -13.60 -32.64 -29.40
C ASP A 150 -13.52 -34.14 -29.06
N GLY A 151 -14.66 -34.69 -28.64
CA GLY A 151 -14.78 -36.12 -28.39
C GLY A 151 -14.00 -36.59 -27.16
N LEU A 152 -14.06 -37.92 -26.95
CA LEU A 152 -13.34 -38.61 -25.87
C LEU A 152 -12.76 -39.91 -26.41
N LYS A 153 -11.54 -40.24 -25.98
CA LYS A 153 -10.76 -41.31 -26.60
C LYS A 153 -11.24 -42.69 -26.12
N SER A 154 -12.51 -42.76 -25.70
CA SER A 154 -13.20 -44.02 -25.43
C SER A 154 -14.71 -43.81 -25.32
N GLN A 155 -15.31 -43.18 -26.34
CA GLN A 155 -16.61 -42.55 -26.24
C GLN A 155 -17.70 -43.60 -25.96
N ALA A 156 -17.51 -44.81 -26.50
CA ALA A 156 -18.49 -45.88 -26.31
C ALA A 156 -18.46 -46.39 -24.88
N VAL A 157 -17.25 -46.64 -24.37
CA VAL A 157 -17.07 -47.10 -22.99
C VAL A 157 -17.85 -46.15 -22.09
N PHE A 158 -17.45 -44.87 -22.14
CA PHE A 158 -18.02 -43.78 -21.36
C PHE A 158 -19.55 -43.89 -21.33
N ASP A 159 -20.17 -43.75 -22.51
CA ASP A 159 -21.61 -43.61 -22.64
C ASP A 159 -22.32 -44.71 -21.86
N GLU A 160 -21.65 -45.87 -21.74
CA GLU A 160 -22.22 -47.00 -21.06
C GLU A 160 -22.18 -46.71 -19.57
N ILE A 161 -20.99 -46.32 -19.10
CA ILE A 161 -20.72 -46.11 -17.69
C ILE A 161 -21.62 -45.00 -17.17
N ARG A 162 -21.71 -43.92 -17.96
CA ARG A 162 -22.53 -42.78 -17.61
C ARG A 162 -23.98 -43.24 -17.44
N MET A 163 -24.43 -44.13 -18.32
CA MET A 163 -25.82 -44.57 -18.24
C MET A 163 -26.00 -45.38 -16.95
N THR A 164 -25.07 -46.31 -16.72
CA THR A 164 -25.10 -47.13 -15.52
C THR A 164 -25.43 -46.26 -14.32
N TYR A 165 -24.74 -45.12 -14.23
CA TYR A 165 -24.76 -44.33 -13.01
C TYR A 165 -26.04 -43.51 -12.92
N ILE A 166 -26.75 -43.37 -14.05
CA ILE A 166 -28.03 -42.67 -14.08
C ILE A 166 -29.11 -43.62 -13.58
N LYS A 167 -29.15 -44.80 -14.21
CA LYS A 167 -30.05 -45.87 -13.76
C LYS A 167 -29.88 -46.02 -12.24
N GLU A 168 -28.65 -45.75 -11.78
CA GLU A 168 -28.33 -45.89 -10.37
C GLU A 168 -28.97 -44.75 -9.58
N LEU A 169 -28.97 -43.54 -10.13
CA LEU A 169 -29.65 -42.46 -9.43
C LEU A 169 -31.14 -42.76 -9.42
N GLY A 170 -31.62 -43.39 -10.51
CA GLY A 170 -32.97 -43.93 -10.53
C GLY A 170 -33.26 -44.71 -9.26
N LYS A 171 -32.43 -45.71 -8.95
CA LYS A 171 -32.67 -46.59 -7.82
C LYS A 171 -32.65 -45.78 -6.53
N ALA A 172 -31.74 -44.80 -6.45
CA ALA A 172 -31.47 -44.07 -5.23
C ALA A 172 -32.64 -43.17 -4.86
N ILE A 173 -33.29 -42.62 -5.90
CA ILE A 173 -34.41 -41.69 -5.80
C ILE A 173 -35.62 -42.52 -5.42
N VAL A 174 -35.77 -43.69 -6.06
CA VAL A 174 -36.87 -44.61 -5.79
C VAL A 174 -36.89 -44.97 -4.30
N LYS A 175 -35.72 -44.95 -3.67
CA LYS A 175 -35.59 -45.39 -2.29
C LYS A 175 -36.18 -44.36 -1.33
N ARG A 176 -36.47 -43.15 -1.82
CA ARG A 176 -36.72 -42.08 -0.89
C ARG A 176 -38.19 -41.67 -0.87
N ASN A 183 -40.61 -41.23 -8.21
CA ASN A 183 -39.38 -41.38 -9.05
C ASN A 183 -39.27 -40.17 -9.98
N TRP A 184 -40.37 -39.79 -10.58
CA TRP A 184 -40.15 -39.27 -11.90
C TRP A 184 -40.74 -37.89 -12.00
N GLN A 185 -41.07 -37.35 -10.85
CA GLN A 185 -41.27 -35.92 -10.90
C GLN A 185 -40.04 -35.24 -10.32
N ARG A 186 -39.30 -35.98 -9.48
CA ARG A 186 -38.14 -35.51 -8.72
C ARG A 186 -36.87 -35.58 -9.59
N PHE A 187 -36.86 -36.53 -10.52
CA PHE A 187 -35.67 -36.78 -11.32
C PHE A 187 -35.25 -35.51 -12.04
N TYR A 188 -36.24 -34.84 -12.65
CA TYR A 188 -36.13 -33.56 -13.33
C TYR A 188 -35.26 -32.60 -12.52
N GLN A 189 -35.69 -32.31 -11.27
CA GLN A 189 -35.11 -31.28 -10.40
C GLN A 189 -33.61 -31.48 -10.24
N LEU A 190 -33.24 -32.74 -10.01
CA LEU A 190 -31.87 -33.08 -9.65
C LEU A 190 -31.02 -33.05 -10.90
N THR A 191 -31.58 -33.38 -12.05
CA THR A 191 -30.77 -33.25 -13.25
C THR A 191 -30.58 -31.78 -13.62
N LYS A 192 -31.49 -30.96 -13.09
CA LYS A 192 -31.38 -29.53 -13.32
C LYS A 192 -30.25 -29.02 -12.44
N LEU A 193 -30.06 -29.66 -11.28
CA LEU A 193 -28.99 -29.31 -10.36
C LEU A 193 -27.67 -29.85 -10.89
N LEU A 194 -27.67 -31.05 -11.46
CA LEU A 194 -26.45 -31.63 -12.00
C LEU A 194 -25.97 -30.75 -13.15
N ASP A 195 -26.91 -30.06 -13.78
CA ASP A 195 -26.58 -29.21 -14.91
C ASP A 195 -25.97 -27.92 -14.39
N SER A 196 -26.65 -27.31 -13.41
CA SER A 196 -26.30 -25.98 -12.96
C SER A 196 -25.02 -25.99 -12.15
N MET A 197 -24.40 -27.17 -11.97
CA MET A 197 -23.12 -27.22 -11.26
C MET A 197 -22.04 -26.62 -12.14
N HIS A 198 -21.99 -27.06 -13.40
CA HIS A 198 -20.98 -26.58 -14.33
C HIS A 198 -21.07 -25.06 -14.41
N GLU A 199 -22.27 -24.55 -14.16
CA GLU A 199 -22.55 -23.14 -14.25
C GLU A 199 -21.90 -22.42 -13.08
N MET A 200 -21.96 -23.06 -11.90
CA MET A 200 -21.60 -22.37 -10.67
C MET A 200 -20.15 -22.69 -10.32
N VAL A 201 -19.66 -23.82 -10.82
CA VAL A 201 -18.29 -24.20 -10.55
C VAL A 201 -17.39 -23.34 -11.45
N GLY A 202 -17.91 -23.03 -12.65
CA GLY A 202 -17.15 -22.27 -13.63
C GLY A 202 -16.73 -20.92 -13.10
N GLY A 203 -17.43 -20.49 -12.04
CA GLY A 203 -17.15 -19.24 -11.35
C GLY A 203 -15.93 -19.39 -10.44
N LEU A 204 -15.92 -20.47 -9.66
CA LEU A 204 -14.83 -20.78 -8.76
C LEU A 204 -13.56 -21.11 -9.54
N LEU A 205 -13.71 -21.84 -10.62
CA LEU A 205 -12.55 -22.17 -11.43
C LEU A 205 -11.84 -20.89 -11.88
N GLN A 206 -12.62 -19.88 -12.26
CA GLN A 206 -12.03 -18.62 -12.69
C GLN A 206 -11.25 -18.05 -11.53
N PHE A 207 -11.97 -17.71 -10.46
CA PHE A 207 -11.41 -17.21 -9.22
C PHE A 207 -10.15 -17.99 -8.85
N CYS A 208 -10.15 -19.28 -9.24
CA CYS A 208 -9.01 -20.12 -8.92
C CYS A 208 -7.82 -19.73 -9.77
N PHE A 209 -8.05 -19.62 -11.09
CA PHE A 209 -6.98 -19.33 -12.02
C PHE A 209 -6.40 -17.96 -11.72
N TYR A 210 -7.26 -17.06 -11.22
CA TYR A 210 -6.79 -15.73 -10.90
C TYR A 210 -5.68 -15.85 -9.87
N THR A 211 -6.04 -16.38 -8.70
CA THR A 211 -5.13 -16.49 -7.58
C THR A 211 -3.89 -17.26 -8.01
N PHE A 212 -4.06 -18.08 -9.04
CA PHE A 212 -2.95 -18.92 -9.45
C PHE A 212 -1.89 -18.09 -10.15
N VAL A 213 -2.27 -17.39 -11.23
CA VAL A 213 -1.25 -16.84 -12.13
C VAL A 213 -0.84 -15.44 -11.69
N ASN A 214 -1.70 -14.76 -10.95
CA ASN A 214 -1.33 -13.46 -10.40
C ASN A 214 -0.46 -13.68 -9.18
N LYS A 215 0.82 -13.97 -9.45
CA LYS A 215 1.77 -14.45 -8.46
C LYS A 215 1.93 -13.45 -7.32
N SER A 216 1.64 -12.18 -7.60
CA SER A 216 1.87 -11.08 -6.67
C SER A 216 0.86 -11.06 -5.53
N LEU A 217 0.08 -12.15 -5.41
CA LEU A 217 -0.89 -12.32 -4.33
C LEU A 217 -0.33 -13.34 -3.36
N SER A 218 0.86 -13.85 -3.64
CA SER A 218 1.49 -14.81 -2.75
C SER A 218 0.47 -15.80 -2.19
N VAL A 219 -0.25 -16.48 -3.08
CA VAL A 219 -1.13 -17.58 -2.67
C VAL A 219 -0.43 -18.86 -3.06
N GLU A 220 -0.46 -19.86 -2.16
CA GLU A 220 0.29 -21.08 -2.44
C GLU A 220 -0.67 -22.22 -2.77
N PHE A 221 -0.26 -23.05 -3.74
CA PHE A 221 -0.98 -24.24 -4.14
C PHE A 221 0.02 -25.40 -4.15
N PRO A 222 -0.29 -26.54 -3.50
CA PRO A 222 0.65 -27.66 -3.43
C PRO A 222 0.93 -28.17 -4.84
N GLU A 223 2.12 -28.74 -5.04
CA GLU A 223 2.52 -29.28 -6.34
C GLU A 223 1.41 -30.09 -6.99
N MET A 224 0.59 -30.77 -6.20
CA MET A 224 -0.52 -31.52 -6.77
C MET A 224 -1.39 -30.58 -7.61
N LEU A 225 -1.97 -29.60 -6.92
CA LEU A 225 -2.91 -28.67 -7.53
C LEU A 225 -2.18 -27.91 -8.64
N ALA A 226 -0.94 -27.52 -8.32
CA ALA A 226 -0.12 -26.72 -9.21
C ALA A 226 -0.14 -27.30 -10.63
N GLU A 227 0.14 -28.59 -10.74
CA GLU A 227 0.37 -29.21 -12.04
C GLU A 227 -0.94 -29.32 -12.78
N ILE A 228 -2.00 -29.63 -12.04
CA ILE A 228 -3.26 -29.94 -12.69
C ILE A 228 -3.80 -28.66 -13.34
N ILE A 229 -3.78 -27.58 -12.55
CA ILE A 229 -4.22 -26.26 -12.96
C ILE A 229 -3.35 -25.73 -14.10
N SER A 230 -2.02 -25.86 -13.99
CA SER A 230 -1.20 -25.22 -15.00
C SER A 230 -1.43 -25.89 -16.35
N ASN A 231 -1.85 -27.16 -16.31
CA ASN A 231 -2.17 -27.86 -17.55
C ASN A 231 -3.56 -27.37 -17.93
N GLN A 232 -4.52 -27.54 -17.03
CA GLN A 232 -5.95 -27.41 -17.29
C GLN A 232 -6.28 -25.99 -17.74
N LEU A 233 -5.39 -25.03 -17.43
CA LEU A 233 -5.67 -23.60 -17.52
C LEU A 233 -5.85 -23.17 -18.99
N PRO A 234 -4.83 -23.35 -19.87
CA PRO A 234 -4.92 -22.86 -21.24
C PRO A 234 -6.07 -23.48 -22.03
N LYS A 235 -6.30 -24.77 -21.79
CA LYS A 235 -7.30 -25.56 -22.49
C LYS A 235 -8.69 -25.00 -22.17
N PHE A 236 -8.86 -24.57 -20.91
CA PHE A 236 -10.14 -24.06 -20.43
C PHE A 236 -10.30 -22.60 -20.87
N LYS A 237 -9.19 -21.91 -21.10
CA LYS A 237 -9.22 -20.48 -21.36
C LYS A 237 -9.77 -20.23 -22.77
N ALA A 238 -9.22 -20.97 -23.76
CA ALA A 238 -9.74 -20.91 -25.11
C ALA A 238 -11.19 -21.40 -25.14
N GLY A 239 -11.44 -22.54 -24.47
CA GLY A 239 -12.79 -23.05 -24.32
C GLY A 239 -13.01 -24.32 -25.13
N SER A 240 -12.23 -25.36 -24.80
CA SER A 240 -12.37 -26.65 -25.47
C SER A 240 -13.26 -27.63 -24.69
N VAL A 241 -14.17 -27.13 -23.84
CA VAL A 241 -14.85 -27.98 -22.89
C VAL A 241 -16.37 -27.81 -22.97
N LYS A 242 -17.04 -28.93 -23.24
CA LYS A 242 -18.49 -29.01 -23.28
C LYS A 242 -18.96 -29.89 -22.11
N PRO A 243 -19.79 -29.32 -21.20
CA PRO A 243 -20.44 -30.12 -20.17
C PRO A 243 -21.69 -30.86 -20.68
N LEU A 244 -21.79 -32.15 -20.32
CA LEU A 244 -22.92 -32.97 -20.68
C LEU A 244 -24.12 -32.63 -19.80
N LEU A 245 -25.16 -32.09 -20.45
CA LEU A 245 -26.32 -31.55 -19.76
C LEU A 245 -27.51 -32.49 -19.91
N PHE A 246 -28.62 -32.14 -19.26
CA PHE A 246 -29.88 -32.85 -19.41
C PHE A 246 -30.93 -31.89 -19.94
N HIS A 247 -30.50 -30.64 -20.17
CA HIS A 247 -31.39 -29.58 -20.58
C HIS A 247 -30.58 -28.55 -21.38
N ARG B 1 1.86 -31.42 -18.98
CA ARG B 1 0.76 -32.34 -18.58
C ARG B 1 1.05 -32.86 -17.18
N PRO B 2 0.00 -33.10 -16.35
CA PRO B 2 0.15 -33.11 -14.89
C PRO B 2 0.90 -34.36 -14.43
N ALA B 3 1.97 -34.15 -13.67
CA ALA B 3 2.89 -35.23 -13.34
C ALA B 3 2.32 -36.18 -12.28
N ILE B 4 1.90 -35.65 -11.13
CA ILE B 4 1.51 -36.53 -10.05
C ILE B 4 0.26 -37.26 -10.50
N LEU B 5 -0.76 -36.51 -10.86
CA LEU B 5 -2.00 -37.12 -11.29
C LEU B 5 -1.66 -38.36 -12.11
N TYR B 6 -0.65 -38.26 -12.99
CA TYR B 6 -0.41 -39.30 -13.97
C TYR B 6 0.03 -40.60 -13.28
N ALA B 7 1.08 -40.48 -12.45
CA ALA B 7 1.74 -41.51 -11.68
C ALA B 7 0.72 -42.08 -10.71
N LEU B 8 -0.41 -41.42 -10.63
CA LEU B 8 -1.37 -42.07 -9.78
C LEU B 8 -2.02 -43.19 -10.55
N LEU B 9 -2.55 -42.84 -11.71
CA LEU B 9 -3.33 -43.80 -12.45
C LEU B 9 -2.38 -44.74 -13.19
N SER B 10 -1.10 -44.34 -13.25
CA SER B 10 -0.08 -45.22 -13.80
C SER B 10 0.87 -45.65 -12.67
N PRO C 2 21.80 13.07 19.81
CA PRO C 2 20.43 12.97 19.27
C PRO C 2 20.11 11.51 18.99
N THR C 3 19.12 10.98 19.70
CA THR C 3 18.82 9.57 19.77
C THR C 3 18.14 9.09 18.48
N LEU C 4 18.58 7.96 17.94
CA LEU C 4 17.97 7.38 16.76
C LEU C 4 16.45 7.54 16.76
N ILE C 5 15.79 7.03 17.80
CA ILE C 5 14.33 6.93 17.83
C ILE C 5 13.71 8.31 17.74
N SER C 6 14.34 9.29 18.40
CA SER C 6 13.83 10.63 18.41
C SER C 6 14.10 11.26 17.04
N LEU C 7 15.21 10.85 16.43
CA LEU C 7 15.63 11.35 15.14
C LEU C 7 14.61 10.92 14.08
N LEU C 8 14.20 9.65 14.16
CA LEU C 8 13.13 9.15 13.31
C LEU C 8 11.91 10.02 13.52
N GLU C 9 11.68 10.41 14.79
CA GLU C 9 10.45 11.08 15.12
C GLU C 9 10.41 12.42 14.40
N VAL C 10 11.59 13.01 14.13
CA VAL C 10 11.60 14.35 13.57
C VAL C 10 11.40 14.33 12.06
N ILE C 11 11.91 13.30 11.38
CA ILE C 11 11.89 13.29 9.92
C ILE C 11 10.59 12.70 9.36
N GLU C 12 9.96 11.82 10.13
CA GLU C 12 8.70 11.20 9.76
C GLU C 12 7.84 12.17 8.95
N PRO C 13 7.45 11.79 7.71
CA PRO C 13 6.40 12.46 6.90
C PRO C 13 5.35 13.15 7.78
N GLU C 14 4.84 14.31 7.33
CA GLU C 14 3.63 14.86 7.92
C GLU C 14 2.48 14.38 7.04
N VAL C 15 1.25 14.66 7.44
CA VAL C 15 0.12 14.14 6.68
C VAL C 15 -0.17 15.08 5.50
N LEU C 16 -0.14 14.57 4.28
CA LEU C 16 -0.42 15.41 3.14
C LEU C 16 -1.93 15.60 3.06
N TYR C 17 -2.35 16.74 2.51
CA TYR C 17 -3.76 16.90 2.17
C TYR C 17 -3.98 16.51 0.71
N SER C 18 -5.24 16.19 0.39
CA SER C 18 -5.59 15.52 -0.85
C SER C 18 -6.07 16.51 -1.89
N GLY C 19 -6.38 17.75 -1.47
CA GLY C 19 -6.96 18.77 -2.34
C GLY C 19 -8.18 18.27 -3.10
N TYR C 20 -8.96 17.40 -2.44
CA TYR C 20 -10.11 16.77 -3.06
C TYR C 20 -11.36 17.46 -2.58
N ASP C 21 -12.30 17.66 -3.51
CA ASP C 21 -13.63 18.16 -3.20
C ASP C 21 -14.61 16.98 -3.09
N SER C 22 -15.19 16.80 -1.90
CA SER C 22 -16.46 16.09 -1.76
C SER C 22 -17.64 16.92 -2.31
N THR C 23 -17.34 17.75 -3.32
CA THR C 23 -18.08 18.96 -3.69
C THR C 23 -18.87 18.77 -5.00
N SER C 28 -17.09 6.90 -8.44
CA SER C 28 -16.16 5.96 -7.75
C SER C 28 -15.12 5.45 -8.74
N THR C 29 -14.50 6.43 -9.41
CA THR C 29 -13.40 6.30 -10.35
C THR C 29 -12.46 7.53 -10.28
N ARG C 30 -13.00 8.69 -9.89
CA ARG C 30 -12.19 9.87 -9.61
C ARG C 30 -11.65 9.76 -8.19
N LEU C 31 -12.47 9.19 -7.30
CA LEU C 31 -12.10 8.90 -5.93
C LEU C 31 -10.76 8.16 -5.91
N MET C 32 -10.64 7.18 -6.81
CA MET C 32 -9.43 6.38 -6.87
C MET C 32 -8.34 7.17 -7.58
N SER C 33 -8.70 7.83 -8.69
CA SER C 33 -7.72 8.65 -9.39
C SER C 33 -7.07 9.60 -8.39
N THR C 34 -7.91 10.18 -7.54
CA THR C 34 -7.42 11.22 -6.65
C THR C 34 -6.34 10.62 -5.76
N LEU C 35 -6.66 9.44 -5.21
CA LEU C 35 -5.84 8.77 -4.21
C LEU C 35 -4.51 8.38 -4.84
N ASN C 36 -4.52 8.01 -6.12
CA ASN C 36 -3.28 7.76 -6.82
C ASN C 36 -2.51 9.06 -6.96
N ARG C 37 -3.20 10.15 -7.31
CA ARG C 37 -2.52 11.42 -7.44
C ARG C 37 -1.84 11.74 -6.10
N LEU C 38 -2.62 11.63 -5.02
CA LEU C 38 -2.13 11.87 -3.69
C LEU C 38 -1.00 10.91 -3.40
N GLY C 39 -1.25 9.62 -3.61
CA GLY C 39 -0.29 8.59 -3.27
C GLY C 39 1.10 8.92 -3.82
N GLY C 40 1.11 9.48 -5.03
CA GLY C 40 2.33 9.74 -5.77
C GLY C 40 3.16 10.74 -4.99
N ARG C 41 2.48 11.70 -4.37
CA ARG C 41 3.16 12.72 -3.59
C ARG C 41 3.66 12.09 -2.29
N GLN C 42 2.83 11.27 -1.66
CA GLN C 42 3.24 10.52 -0.46
C GLN C 42 4.56 9.81 -0.72
N VAL C 43 4.64 9.10 -1.84
CA VAL C 43 5.85 8.39 -2.23
C VAL C 43 7.02 9.36 -2.36
N VAL C 44 6.75 10.55 -2.92
CA VAL C 44 7.75 11.62 -2.95
C VAL C 44 8.27 11.82 -1.53
N SER C 45 7.33 12.13 -0.62
CA SER C 45 7.59 12.46 0.79
C SER C 45 8.47 11.39 1.38
N ALA C 46 8.06 10.15 1.09
CA ALA C 46 8.65 8.96 1.67
C ALA C 46 10.04 8.75 1.08
N VAL C 47 10.31 9.34 -0.08
CA VAL C 47 11.63 9.21 -0.67
C VAL C 47 12.54 10.23 0.00
N LYS C 48 11.96 11.39 0.33
CA LYS C 48 12.69 12.45 1.01
C LYS C 48 13.09 11.92 2.38
N TRP C 49 12.12 11.24 3.02
CA TRP C 49 12.32 10.48 4.24
C TRP C 49 13.36 9.39 4.04
N ALA C 50 13.30 8.67 2.92
CA ALA C 50 14.19 7.53 2.78
C ALA C 50 15.62 8.03 2.89
N LYS C 51 15.82 9.20 2.30
CA LYS C 51 17.15 9.80 2.27
C LYS C 51 17.66 9.90 3.71
N ALA C 52 16.77 10.32 4.61
CA ALA C 52 17.20 10.81 5.90
C ALA C 52 17.25 9.68 6.92
N LEU C 53 17.19 8.41 6.45
CA LEU C 53 17.38 7.33 7.41
C LEU C 53 18.88 7.09 7.57
N PRO C 54 19.39 7.12 8.82
CA PRO C 54 20.74 6.70 9.13
C PRO C 54 20.98 5.38 8.40
N GLY C 55 22.08 5.32 7.65
CA GLY C 55 22.53 4.06 7.10
C GLY C 55 21.79 3.69 5.82
N PHE C 56 20.77 4.49 5.47
CA PHE C 56 20.10 4.30 4.20
C PHE C 56 21.04 4.71 3.06
N ARG C 57 21.64 5.90 3.15
CA ARG C 57 22.45 6.44 2.07
C ARG C 57 23.73 5.62 1.94
N ASN C 58 24.04 4.86 2.99
CA ASN C 58 25.16 3.95 2.97
C ASN C 58 24.97 2.91 1.86
N LEU C 59 23.72 2.49 1.63
CA LEU C 59 23.38 1.46 0.67
C LEU C 59 23.65 1.96 -0.75
N HIS C 60 23.91 1.02 -1.66
CA HIS C 60 24.28 1.37 -3.02
C HIS C 60 23.01 1.73 -3.81
N LEU C 61 23.15 2.74 -4.69
CA LEU C 61 22.05 3.41 -5.35
C LEU C 61 20.98 2.41 -5.81
N ASP C 62 21.41 1.36 -6.50
CA ASP C 62 20.49 0.39 -7.07
C ASP C 62 19.55 -0.09 -5.97
N ASP C 63 20.15 -0.53 -4.85
CA ASP C 63 19.40 -1.12 -3.75
C ASP C 63 18.32 -0.15 -3.27
N GLN C 64 18.61 1.15 -3.33
CA GLN C 64 17.68 2.16 -2.85
C GLN C 64 16.50 2.27 -3.81
N MET C 65 16.82 2.41 -5.09
CA MET C 65 15.81 2.29 -6.13
C MET C 65 14.95 1.07 -5.82
N THR C 66 15.62 -0.03 -5.48
CA THR C 66 14.93 -1.29 -5.35
C THR C 66 14.04 -1.30 -4.11
N LEU C 67 14.63 -1.09 -2.94
CA LEU C 67 13.89 -1.23 -1.70
C LEU C 67 12.63 -0.36 -1.75
N LEU C 68 12.75 0.81 -2.36
CA LEU C 68 11.63 1.72 -2.46
C LEU C 68 10.57 1.14 -3.40
N GLN C 69 11.06 0.71 -4.58
CA GLN C 69 10.20 0.13 -5.60
C GLN C 69 9.38 -1.02 -5.00
N TYR C 70 9.99 -1.75 -4.08
CA TYR C 70 9.41 -3.00 -3.60
C TYR C 70 8.50 -2.77 -2.40
N SER C 71 8.90 -1.85 -1.52
CA SER C 71 8.17 -1.72 -0.26
C SER C 71 7.23 -0.53 -0.32
N TRP C 72 7.36 0.28 -1.39
CA TRP C 72 6.61 1.51 -1.42
C TRP C 72 5.15 1.31 -1.04
N MET C 73 4.48 0.34 -1.66
CA MET C 73 3.07 0.19 -1.33
C MET C 73 2.96 -0.09 0.17
N SER C 74 3.87 -0.94 0.65
CA SER C 74 3.81 -1.42 2.03
C SER C 74 3.76 -0.23 2.96
N LEU C 75 4.79 0.62 2.86
CA LEU C 75 4.92 1.80 3.71
C LEU C 75 3.62 2.59 3.65
N MET C 76 3.14 2.83 2.42
CA MET C 76 1.98 3.67 2.23
C MET C 76 0.81 3.06 2.98
N ALA C 77 0.66 1.75 2.82
CA ALA C 77 -0.50 1.07 3.40
C ALA C 77 -0.40 1.04 4.93
N PHE C 78 0.80 0.71 5.44
CA PHE C 78 1.07 0.66 6.86
C PHE C 78 0.65 1.97 7.51
N SER C 79 1.27 3.08 7.08
CA SER C 79 0.97 4.42 7.58
C SER C 79 -0.52 4.72 7.45
N LEU C 80 -1.19 4.21 6.40
CA LEU C 80 -2.60 4.51 6.32
C LEU C 80 -3.31 3.83 7.48
N GLY C 81 -2.74 2.69 7.88
CA GLY C 81 -3.25 1.95 9.01
C GLY C 81 -3.11 2.79 10.26
N TRP C 82 -1.92 3.38 10.45
CA TRP C 82 -1.63 4.19 11.62
C TRP C 82 -2.63 5.33 11.74
N ARG C 83 -2.81 6.10 10.67
CA ARG C 83 -3.73 7.21 10.63
C ARG C 83 -5.11 6.74 11.06
N SER C 84 -5.60 5.66 10.43
CA SER C 84 -6.98 5.23 10.59
C SER C 84 -7.19 4.71 12.01
N TYR C 85 -6.08 4.39 12.69
CA TYR C 85 -6.06 3.90 14.06
C TYR C 85 -6.10 5.07 15.03
N LYS C 86 -5.21 6.03 14.83
CA LYS C 86 -5.08 7.15 15.75
C LYS C 86 -6.26 8.11 15.57
N GLN C 87 -6.89 8.07 14.39
CA GLN C 87 -7.79 9.15 14.02
C GLN C 87 -9.25 8.76 14.25
N SER C 88 -9.59 7.48 14.05
CA SER C 88 -10.98 7.08 14.16
C SER C 88 -11.08 5.70 14.80
N ASN C 89 -9.96 5.23 15.34
CA ASN C 89 -9.87 4.02 16.14
C ASN C 89 -10.27 2.79 15.34
N GLY C 90 -10.30 2.93 14.01
CA GLY C 90 -10.34 1.80 13.09
C GLY C 90 -11.73 1.64 12.48
N ASN C 91 -12.55 2.69 12.65
CA ASN C 91 -13.89 2.71 12.10
C ASN C 91 -13.85 3.10 10.63
N MET C 92 -13.08 4.14 10.30
CA MET C 92 -13.04 4.61 8.93
C MET C 92 -11.60 4.61 8.41
N LEU C 93 -11.50 4.78 7.08
CA LEU C 93 -10.19 4.80 6.45
C LEU C 93 -9.82 6.25 6.16
N CYS C 94 -8.74 6.70 6.81
CA CYS C 94 -8.35 8.10 6.76
C CYS C 94 -7.07 8.27 5.97
N PHE C 95 -7.24 8.69 4.73
CA PHE C 95 -6.17 8.78 3.76
C PHE C 95 -5.45 10.11 3.95
N ALA C 96 -6.26 11.16 3.90
CA ALA C 96 -5.87 12.48 4.37
C ALA C 96 -7.01 12.98 5.25
N PRO C 97 -6.78 14.02 6.09
CA PRO C 97 -7.83 14.45 7.02
C PRO C 97 -9.06 15.00 6.29
N ASP C 98 -8.92 15.28 4.99
CA ASP C 98 -10.05 15.81 4.26
C ASP C 98 -10.59 14.77 3.29
N LEU C 99 -10.14 13.53 3.40
CA LEU C 99 -10.62 12.41 2.60
C LEU C 99 -10.70 11.19 3.52
N VAL C 100 -11.87 11.07 4.12
CA VAL C 100 -12.14 10.05 5.12
C VAL C 100 -13.19 9.14 4.50
N ILE C 101 -12.90 7.84 4.45
CA ILE C 101 -13.85 6.91 3.85
C ILE C 101 -14.56 6.14 4.94
N ASN C 102 -15.84 6.50 5.14
CA ASN C 102 -16.77 5.88 6.07
C ASN C 102 -17.55 4.78 5.34
N GLU C 103 -18.46 4.13 6.06
CA GLU C 103 -19.01 2.88 5.55
C GLU C 103 -20.05 3.15 4.44
N GLU C 104 -20.14 4.41 4.02
CA GLU C 104 -21.08 4.87 3.01
C GLU C 104 -20.38 4.85 1.65
N ARG C 105 -19.16 5.37 1.63
CA ARG C 105 -18.37 5.38 0.41
C ARG C 105 -17.69 4.04 0.15
N MET C 106 -17.82 3.09 1.10
CA MET C 106 -17.29 1.76 0.93
C MET C 106 -18.24 0.96 0.05
N GLN C 107 -19.45 1.50 -0.11
CA GLN C 107 -20.47 0.80 -0.88
C GLN C 107 -20.44 1.32 -2.30
N LEU C 108 -19.77 2.46 -2.45
CA LEU C 108 -19.25 2.86 -3.74
C LEU C 108 -18.60 1.66 -4.41
N PRO C 109 -18.98 1.45 -5.69
CA PRO C 109 -18.57 0.28 -6.48
C PRO C 109 -17.09 -0.04 -6.45
N TYR C 110 -16.81 -1.34 -6.42
CA TYR C 110 -15.47 -1.87 -6.59
C TYR C 110 -14.62 -1.56 -5.34
N MET C 111 -15.24 -0.99 -4.30
CA MET C 111 -14.39 -0.38 -3.29
C MET C 111 -14.24 -1.36 -2.13
N TYR C 112 -15.37 -1.93 -1.72
CA TYR C 112 -15.47 -2.67 -0.48
C TYR C 112 -14.23 -3.53 -0.24
N ASP C 113 -13.96 -4.48 -1.14
CA ASP C 113 -12.96 -5.51 -0.90
C ASP C 113 -11.63 -4.90 -0.44
N GLN C 114 -11.08 -3.98 -1.23
CA GLN C 114 -9.80 -3.38 -0.87
C GLN C 114 -9.94 -2.76 0.52
N CYS C 115 -11.09 -2.09 0.73
CA CYS C 115 -11.25 -1.30 1.92
C CYS C 115 -11.07 -2.18 3.14
N GLN C 116 -11.87 -3.23 3.26
CA GLN C 116 -11.75 -4.14 4.38
C GLN C 116 -10.30 -4.61 4.52
N GLN C 117 -9.59 -4.70 3.38
CA GLN C 117 -8.23 -5.20 3.38
C GLN C 117 -7.30 -4.11 3.88
N MET C 118 -7.69 -2.85 3.67
CA MET C 118 -6.92 -1.76 4.22
C MET C 118 -7.27 -1.62 5.71
N LEU C 119 -8.50 -1.98 6.06
CA LEU C 119 -9.03 -1.80 7.40
C LEU C 119 -8.46 -2.84 8.35
N LYS C 120 -7.99 -3.97 7.81
CA LYS C 120 -7.60 -5.07 8.68
C LYS C 120 -6.18 -4.83 9.20
N ILE C 121 -5.39 -4.16 8.37
CA ILE C 121 -4.11 -3.60 8.79
C ILE C 121 -4.37 -2.72 10.01
N SER C 122 -5.27 -1.73 9.86
CA SER C 122 -5.47 -0.80 10.97
C SER C 122 -5.96 -1.61 12.17
N SER C 123 -6.78 -2.63 11.88
CA SER C 123 -7.34 -3.45 12.94
C SER C 123 -6.20 -4.06 13.73
N GLU C 124 -5.08 -4.35 13.04
CA GLU C 124 -3.95 -5.00 13.69
C GLU C 124 -3.40 -4.05 14.76
N PHE C 125 -3.39 -2.75 14.43
CA PHE C 125 -2.80 -1.74 15.30
C PHE C 125 -3.68 -1.59 16.52
N VAL C 126 -4.99 -1.82 16.31
CA VAL C 126 -6.02 -1.65 17.30
C VAL C 126 -5.78 -2.70 18.39
N ARG C 127 -5.85 -3.96 17.93
CA ARG C 127 -5.84 -5.13 18.76
C ARG C 127 -4.52 -5.20 19.54
N LEU C 128 -3.47 -4.56 19.03
CA LEU C 128 -2.14 -4.77 19.61
C LEU C 128 -1.69 -3.57 20.47
N GLN C 129 -2.43 -2.46 20.37
CA GLN C 129 -1.98 -1.21 20.98
C GLN C 129 -0.51 -0.98 20.65
N VAL C 130 -0.25 -0.61 19.41
CA VAL C 130 1.08 -0.18 19.04
C VAL C 130 1.24 1.29 19.43
N SER C 131 2.36 1.60 20.09
CA SER C 131 2.76 2.96 20.40
C SER C 131 3.43 3.58 19.17
N TYR C 132 3.68 4.89 19.26
CA TYR C 132 4.26 5.65 18.17
C TYR C 132 5.67 5.17 17.83
N ASP C 133 6.57 5.09 18.81
CA ASP C 133 7.96 4.79 18.51
C ASP C 133 8.04 3.41 17.87
N GLU C 134 7.15 2.49 18.28
CA GLU C 134 7.12 1.15 17.72
C GLU C 134 6.81 1.22 16.22
N TYR C 135 5.70 1.87 15.89
CA TYR C 135 5.25 2.07 14.53
C TYR C 135 6.39 2.59 13.65
N LEU C 136 7.01 3.70 14.06
CA LEU C 136 8.07 4.28 13.28
C LEU C 136 9.10 3.20 12.97
N CYS C 137 9.45 2.40 13.98
CA CYS C 137 10.58 1.48 13.88
C CYS C 137 10.27 0.37 12.89
N MET C 138 9.02 -0.11 12.95
CA MET C 138 8.57 -1.21 12.10
C MET C 138 8.57 -0.72 10.65
N LYS C 139 8.03 0.48 10.43
CA LYS C 139 7.92 1.05 9.10
C LYS C 139 9.28 1.00 8.44
N VAL C 140 10.30 1.35 9.22
CA VAL C 140 11.64 1.41 8.64
C VAL C 140 11.97 0.01 8.14
N LEU C 141 11.44 -1.01 8.83
CA LEU C 141 11.74 -2.39 8.49
C LEU C 141 11.10 -2.76 7.16
N LEU C 142 9.78 -2.60 7.07
CA LEU C 142 9.06 -2.83 5.83
C LEU C 142 9.88 -2.36 4.63
N LEU C 143 10.55 -1.22 4.78
CA LEU C 143 11.39 -0.72 3.71
C LEU C 143 12.44 -1.76 3.41
N LEU C 144 12.92 -2.45 4.46
CA LEU C 144 13.97 -3.43 4.31
C LEU C 144 13.41 -4.83 4.52
N SER C 145 12.18 -5.04 4.09
CA SER C 145 11.60 -6.35 4.30
C SER C 145 11.29 -7.04 2.98
N THR C 146 11.46 -6.30 1.87
CA THR C 146 11.11 -6.84 0.56
C THR C 146 12.31 -6.68 -0.37
N VAL C 147 12.88 -7.82 -0.76
CA VAL C 147 14.15 -7.84 -1.46
C VAL C 147 14.13 -8.90 -2.56
N PRO C 148 14.93 -8.71 -3.64
CA PRO C 148 14.96 -9.66 -4.75
C PRO C 148 15.32 -11.07 -4.31
N LYS C 149 14.86 -12.06 -5.08
CA LYS C 149 15.28 -13.44 -4.95
C LYS C 149 16.73 -13.63 -5.38
N ASP C 150 17.27 -12.68 -6.15
CA ASP C 150 18.65 -12.53 -6.59
C ASP C 150 19.45 -11.68 -5.59
N GLY C 151 19.16 -11.82 -4.28
CA GLY C 151 19.80 -11.05 -3.24
C GLY C 151 19.63 -9.55 -3.46
N LEU C 152 20.72 -8.80 -3.21
CA LEU C 152 20.83 -7.39 -3.51
C LEU C 152 22.22 -7.11 -4.12
N LYS C 153 22.80 -5.96 -3.81
CA LYS C 153 24.12 -5.56 -4.31
C LYS C 153 24.99 -5.02 -3.17
N SER C 154 24.55 -5.24 -1.92
CA SER C 154 25.33 -4.87 -0.74
C SER C 154 24.74 -5.58 0.47
N GLN C 155 24.76 -6.92 0.42
CA GLN C 155 24.03 -7.75 1.35
C GLN C 155 24.59 -7.59 2.77
N ALA C 156 25.89 -7.29 2.89
CA ALA C 156 26.51 -7.01 4.18
C ALA C 156 25.98 -5.71 4.78
N VAL C 157 26.02 -4.64 3.98
CA VAL C 157 25.64 -3.31 4.39
C VAL C 157 24.26 -3.41 5.04
N PHE C 158 23.30 -3.84 4.21
CA PHE C 158 21.90 -3.96 4.53
C PHE C 158 21.74 -4.66 5.88
N ASP C 159 22.19 -5.91 5.97
CA ASP C 159 21.91 -6.77 7.10
C ASP C 159 22.29 -6.06 8.40
N GLU C 160 23.28 -5.17 8.32
CA GLU C 160 23.76 -4.46 9.49
C GLU C 160 22.72 -3.42 9.88
N ILE C 161 22.29 -2.64 8.88
CA ILE C 161 21.32 -1.58 9.08
C ILE C 161 20.01 -2.20 9.59
N ARG C 162 19.64 -3.32 8.97
CA ARG C 162 18.44 -4.06 9.33
C ARG C 162 18.50 -4.46 10.80
N MET C 163 19.68 -4.87 11.27
CA MET C 163 19.82 -5.30 12.65
C MET C 163 19.61 -4.09 13.54
N THR C 164 20.33 -3.02 13.20
CA THR C 164 20.23 -1.78 13.96
C THR C 164 18.77 -1.49 14.28
N TYR C 165 17.92 -1.61 13.26
CA TYR C 165 16.57 -1.11 13.35
C TYR C 165 15.69 -2.07 14.12
N ILE C 166 16.16 -3.31 14.29
CA ILE C 166 15.42 -4.31 15.07
C ILE C 166 15.69 -4.06 16.55
N LYS C 167 17.00 -3.96 16.88
CA LYS C 167 17.41 -3.60 18.22
C LYS C 167 16.63 -2.36 18.64
N GLU C 168 16.34 -1.52 17.64
CA GLU C 168 15.63 -0.29 17.87
C GLU C 168 14.17 -0.56 18.20
N LEU C 169 13.57 -1.52 17.52
CA LEU C 169 12.19 -1.85 17.85
C LEU C 169 12.19 -2.48 19.24
N GLY C 170 13.26 -3.20 19.56
CA GLY C 170 13.45 -3.67 20.93
C GLY C 170 13.22 -2.54 21.91
N LYS C 171 14.12 -1.55 21.85
CA LYS C 171 14.11 -0.39 22.74
C LYS C 171 12.72 0.25 22.79
N ALA C 172 12.01 0.23 21.66
CA ALA C 172 10.72 0.89 21.57
C ALA C 172 9.66 0.11 22.35
N ILE C 173 9.83 -1.22 22.46
CA ILE C 173 8.93 -2.08 23.24
C ILE C 173 9.21 -1.84 24.72
N VAL C 174 10.52 -1.83 25.04
CA VAL C 174 11.06 -1.57 26.37
C VAL C 174 10.48 -0.26 26.90
N LYS C 175 10.14 0.68 26.01
CA LYS C 175 9.49 1.94 26.38
C LYS C 175 8.07 1.65 26.88
N ARG C 176 7.78 0.37 27.15
CA ARG C 176 6.62 -0.08 27.91
C ARG C 176 6.92 -1.44 28.58
N GLN C 182 9.70 -9.40 29.72
CA GLN C 182 8.31 -9.75 29.35
C GLN C 182 8.15 -9.40 27.89
N ASN C 183 9.27 -9.02 27.29
CA ASN C 183 9.17 -8.15 26.15
C ASN C 183 9.25 -8.98 24.90
N TRP C 184 9.73 -10.20 25.08
CA TRP C 184 10.03 -10.90 23.87
C TRP C 184 8.72 -11.43 23.26
N GLN C 185 7.73 -11.70 24.12
CA GLN C 185 6.38 -12.05 23.69
C GLN C 185 5.80 -10.88 22.90
N ARG C 186 6.09 -9.67 23.35
CA ARG C 186 5.56 -8.58 22.56
C ARG C 186 6.28 -8.55 21.22
N PHE C 187 7.61 -8.68 21.26
CA PHE C 187 8.45 -8.62 20.07
C PHE C 187 7.95 -9.66 19.10
N TYR C 188 7.74 -10.89 19.59
CA TYR C 188 7.28 -12.03 18.79
C TYR C 188 6.07 -11.63 17.95
N GLN C 189 5.02 -11.16 18.64
CA GLN C 189 3.70 -10.92 18.10
C GLN C 189 3.76 -9.87 16.98
N LEU C 190 4.56 -8.82 17.25
CA LEU C 190 4.64 -7.68 16.35
C LEU C 190 5.49 -8.05 15.14
N THR C 191 6.47 -8.94 15.33
CA THR C 191 7.22 -9.39 14.17
C THR C 191 6.37 -10.33 13.33
N LYS C 192 5.31 -10.88 13.94
CA LYS C 192 4.38 -11.70 13.20
C LYS C 192 3.49 -10.79 12.37
N LEU C 193 3.27 -9.57 12.87
CA LEU C 193 2.53 -8.56 12.12
C LEU C 193 3.42 -7.97 11.01
N LEU C 194 4.70 -7.76 11.32
CA LEU C 194 5.59 -7.20 10.33
C LEU C 194 5.74 -8.19 9.18
N ASP C 195 5.50 -9.47 9.49
CA ASP C 195 5.62 -10.50 8.47
C ASP C 195 4.37 -10.47 7.60
N SER C 196 3.21 -10.44 8.25
CA SER C 196 1.94 -10.64 7.57
C SER C 196 1.56 -9.40 6.76
N MET C 197 2.43 -8.40 6.72
CA MET C 197 2.15 -7.25 5.88
C MET C 197 2.34 -7.62 4.42
N HIS C 198 3.44 -8.31 4.10
CA HIS C 198 3.70 -8.75 2.75
C HIS C 198 2.53 -9.57 2.23
N GLU C 199 1.83 -10.21 3.19
CA GLU C 199 0.67 -11.01 2.85
C GLU C 199 -0.47 -10.12 2.41
N MET C 200 -0.67 -9.00 3.13
CA MET C 200 -1.92 -8.25 3.03
C MET C 200 -1.77 -7.13 2.02
N VAL C 201 -0.53 -6.67 1.88
CA VAL C 201 -0.28 -5.56 0.97
C VAL C 201 -0.25 -6.13 -0.44
N GLY C 202 0.20 -7.38 -0.56
CA GLY C 202 0.28 -8.06 -1.84
C GLY C 202 -1.07 -8.12 -2.54
N GLY C 203 -2.14 -7.92 -1.77
CA GLY C 203 -3.49 -7.88 -2.28
C GLY C 203 -3.78 -6.55 -2.97
N LEU C 204 -3.42 -5.46 -2.28
CA LEU C 204 -3.60 -4.09 -2.79
C LEU C 204 -2.71 -3.89 -4.03
N LEU C 205 -1.48 -4.39 -3.94
CA LEU C 205 -0.55 -4.28 -5.06
C LEU C 205 -1.18 -4.86 -6.32
N GLN C 206 -1.85 -6.00 -6.18
CA GLN C 206 -2.45 -6.64 -7.34
C GLN C 206 -3.50 -5.69 -7.90
N PHE C 207 -4.54 -5.43 -7.08
CA PHE C 207 -5.60 -4.49 -7.40
C PHE C 207 -5.02 -3.23 -8.04
N CYS C 208 -3.80 -2.88 -7.65
CA CYS C 208 -3.15 -1.71 -8.19
C CYS C 208 -2.75 -1.94 -9.63
N PHE C 209 -2.07 -3.08 -9.89
CA PHE C 209 -1.57 -3.39 -11.21
C PHE C 209 -2.74 -3.52 -12.17
N TYR C 210 -3.87 -3.98 -11.65
CA TYR C 210 -5.03 -4.15 -12.51
C TYR C 210 -5.40 -2.81 -13.11
N THR C 211 -5.77 -1.88 -12.22
CA THR C 211 -6.21 -0.56 -12.62
C THR C 211 -5.15 0.11 -13.48
N PHE C 212 -3.90 -0.34 -13.32
CA PHE C 212 -2.82 0.31 -14.03
C PHE C 212 -2.86 -0.06 -15.51
N VAL C 213 -2.84 -1.36 -15.82
CA VAL C 213 -2.59 -1.80 -17.20
C VAL C 213 -3.90 -1.85 -17.98
N ASN C 214 -5.04 -1.98 -17.30
CA ASN C 214 -6.34 -1.89 -17.93
C ASN C 214 -6.63 -0.43 -18.30
N LYS C 215 -6.04 -0.01 -19.41
CA LYS C 215 -5.91 1.38 -19.84
C LYS C 215 -7.27 2.06 -19.92
N SER C 216 -8.33 1.30 -20.20
CA SER C 216 -9.62 1.91 -20.49
C SER C 216 -10.61 1.69 -19.35
N LEU C 217 -10.06 1.53 -18.15
CA LEU C 217 -10.75 1.84 -16.91
C LEU C 217 -10.32 3.24 -16.47
N SER C 218 -9.32 3.79 -17.17
CA SER C 218 -9.00 5.20 -17.09
C SER C 218 -9.05 5.66 -15.65
N VAL C 219 -8.13 5.13 -14.85
CA VAL C 219 -7.74 5.71 -13.58
C VAL C 219 -6.44 6.46 -13.80
N GLU C 220 -6.21 7.52 -13.02
CA GLU C 220 -5.01 8.32 -13.13
C GLU C 220 -4.00 7.91 -12.06
N PHE C 221 -2.74 7.79 -12.49
CA PHE C 221 -1.59 7.64 -11.62
C PHE C 221 -0.54 8.64 -12.06
N PRO C 222 -0.07 9.56 -11.17
CA PRO C 222 0.85 10.61 -11.60
C PRO C 222 2.16 9.96 -12.06
N GLU C 223 2.86 10.64 -12.97
CA GLU C 223 4.04 10.09 -13.64
C GLU C 223 4.94 9.35 -12.67
N MET C 224 5.07 9.89 -11.46
CA MET C 224 5.92 9.28 -10.45
C MET C 224 5.53 7.82 -10.31
N LEU C 225 4.28 7.58 -9.89
CA LEU C 225 3.83 6.24 -9.55
C LEU C 225 3.97 5.33 -10.76
N ALA C 226 3.60 5.86 -11.92
CA ALA C 226 3.58 5.11 -13.16
C ALA C 226 4.94 4.45 -13.39
N GLU C 227 6.00 5.26 -13.40
CA GLU C 227 7.33 4.79 -13.77
C GLU C 227 7.74 3.67 -12.84
N ILE C 228 7.35 3.82 -11.57
CA ILE C 228 7.73 2.85 -10.56
C ILE C 228 7.03 1.54 -10.88
N ILE C 229 5.72 1.63 -11.16
CA ILE C 229 4.88 0.47 -11.39
C ILE C 229 5.23 -0.20 -12.71
N SER C 230 5.44 0.59 -13.77
CA SER C 230 5.71 0.00 -15.06
C SER C 230 7.04 -0.74 -15.02
N ASN C 231 7.93 -0.34 -14.09
CA ASN C 231 9.23 -0.97 -13.93
C ASN C 231 9.18 -2.12 -12.92
N GLN C 232 8.26 -2.06 -11.95
CA GLN C 232 8.12 -3.03 -10.86
C GLN C 232 7.23 -4.19 -11.30
N LEU C 233 6.55 -4.02 -12.44
CA LEU C 233 5.51 -4.95 -12.88
C LEU C 233 6.08 -6.31 -13.27
N PRO C 234 7.03 -6.40 -14.23
CA PRO C 234 7.56 -7.69 -14.68
C PRO C 234 8.20 -8.52 -13.57
N LYS C 235 8.92 -7.82 -12.69
CA LYS C 235 9.68 -8.42 -11.59
C LYS C 235 8.70 -9.10 -10.64
N PHE C 236 7.53 -8.47 -10.45
CA PHE C 236 6.54 -8.96 -9.53
C PHE C 236 5.74 -10.08 -10.18
N LYS C 237 5.63 -10.04 -11.51
CA LYS C 237 4.83 -11.09 -12.11
C LYS C 237 5.63 -12.39 -12.24
N ALA C 238 6.93 -12.27 -12.57
CA ALA C 238 7.88 -13.38 -12.52
C ALA C 238 7.84 -14.10 -11.17
N GLY C 239 7.84 -13.31 -10.07
CA GLY C 239 8.05 -13.81 -8.73
C GLY C 239 9.54 -13.84 -8.37
N SER C 240 10.24 -12.74 -8.66
CA SER C 240 11.64 -12.61 -8.34
C SER C 240 11.83 -11.80 -7.04
N VAL C 241 10.84 -11.83 -6.13
CA VAL C 241 10.80 -10.90 -5.02
C VAL C 241 10.54 -11.70 -3.74
N LYS C 242 11.44 -11.56 -2.77
CA LYS C 242 11.48 -12.40 -1.59
C LYS C 242 11.26 -11.53 -0.35
N PRO C 243 10.18 -11.77 0.42
CA PRO C 243 9.94 -11.03 1.65
C PRO C 243 10.72 -11.57 2.86
N LEU C 244 11.41 -10.69 3.58
CA LEU C 244 12.23 -11.10 4.70
C LEU C 244 11.35 -11.24 5.93
N LEU C 245 11.23 -12.49 6.43
CA LEU C 245 10.36 -12.80 7.55
C LEU C 245 11.14 -12.88 8.86
N PHE C 246 10.37 -13.10 9.93
CA PHE C 246 10.93 -13.44 11.23
C PHE C 246 10.41 -14.83 11.62
N HIS C 247 9.46 -15.34 10.85
CA HIS C 247 8.87 -16.62 11.14
C HIS C 247 8.56 -17.41 9.85
N PRO D 2 13.14 3.53 -12.66
CA PRO D 2 12.39 4.77 -12.94
C PRO D 2 13.35 5.95 -12.86
N ALA D 3 13.08 7.02 -13.61
CA ALA D 3 14.04 8.10 -13.78
C ALA D 3 13.78 9.24 -12.79
N ILE D 4 12.50 9.52 -12.58
CA ILE D 4 12.13 10.52 -11.61
C ILE D 4 12.73 10.11 -10.27
N LEU D 5 12.49 8.84 -9.90
CA LEU D 5 13.00 8.32 -8.66
C LEU D 5 14.53 8.38 -8.65
N TYR D 6 15.14 8.52 -9.83
CA TYR D 6 16.58 8.53 -9.92
C TYR D 6 17.08 9.93 -9.56
N ALA D 7 16.41 10.92 -10.14
CA ALA D 7 16.80 12.30 -9.94
C ALA D 7 16.99 12.52 -8.45
N LEU D 8 15.98 12.09 -7.68
CA LEU D 8 15.98 12.26 -6.24
C LEU D 8 17.14 11.48 -5.61
N LEU D 9 17.29 10.21 -6.00
CA LEU D 9 18.30 9.36 -5.42
C LEU D 9 19.72 9.82 -5.78
N SER D 10 19.85 10.84 -6.63
CA SER D 10 21.15 11.21 -7.16
C SER D 10 21.58 12.59 -6.62
N PRO E 2 13.46 14.50 -17.46
CA PRO E 2 12.96 15.49 -16.50
C PRO E 2 14.00 16.50 -16.05
N THR E 3 13.52 17.64 -15.63
CA THR E 3 12.83 18.74 -16.26
C THR E 3 12.77 19.52 -14.97
N LEU E 4 13.87 20.05 -14.49
CA LEU E 4 13.93 20.60 -13.14
C LEU E 4 12.60 21.22 -12.69
N ILE E 5 11.74 21.77 -13.56
CA ILE E 5 10.63 22.55 -13.00
C ILE E 5 9.50 21.66 -12.47
N SER E 6 9.16 20.60 -13.22
CA SER E 6 8.21 19.62 -12.68
C SER E 6 8.84 18.88 -11.50
N LEU E 7 10.17 18.94 -11.41
CA LEU E 7 10.94 18.26 -10.38
C LEU E 7 10.76 19.03 -9.08
N LEU E 8 10.95 20.36 -9.15
CA LEU E 8 10.66 21.26 -8.05
C LEU E 8 9.25 20.98 -7.55
N GLU E 9 8.33 20.77 -8.50
CA GLU E 9 6.92 20.67 -8.17
C GLU E 9 6.73 19.49 -7.21
N VAL E 10 7.55 18.44 -7.39
CA VAL E 10 7.28 17.22 -6.66
C VAL E 10 7.89 17.27 -5.26
N ILE E 11 9.04 17.95 -5.09
CA ILE E 11 9.76 17.90 -3.83
C ILE E 11 9.28 18.98 -2.86
N GLU E 12 8.76 20.07 -3.41
CA GLU E 12 8.11 21.11 -2.62
C GLU E 12 7.39 20.52 -1.42
N PRO E 13 7.74 20.93 -0.18
CA PRO E 13 6.99 20.57 1.02
C PRO E 13 5.51 20.89 0.94
N GLU E 14 4.68 19.96 1.44
CA GLU E 14 3.24 20.16 1.50
C GLU E 14 2.96 21.01 2.73
N VAL E 15 1.70 21.37 2.91
CA VAL E 15 1.33 22.41 3.85
C VAL E 15 1.25 21.81 5.25
N LEU E 16 2.06 22.27 6.22
CA LEU E 16 1.92 21.70 7.55
C LEU E 16 0.71 22.33 8.23
N TYR E 17 0.08 21.57 9.11
CA TYR E 17 -0.97 22.14 9.93
C TYR E 17 -0.40 22.54 11.29
N SER E 18 -1.13 23.44 11.97
CA SER E 18 -0.73 23.86 13.30
C SER E 18 -1.46 23.03 14.35
N GLY E 19 -2.79 22.91 14.24
CA GLY E 19 -3.58 22.20 15.23
C GLY E 19 -3.73 23.01 16.52
N TYR E 20 -4.34 24.19 16.35
CA TYR E 20 -4.37 25.24 17.36
C TYR E 20 -5.70 25.23 18.09
N ASP E 21 -5.67 25.69 19.36
CA ASP E 21 -6.87 25.86 20.16
C ASP E 21 -7.39 27.29 19.99
N SER E 22 -8.40 27.45 19.13
CA SER E 22 -8.81 28.71 18.54
C SER E 22 -9.30 29.71 19.59
N THR E 27 -3.51 34.63 23.04
CA THR E 27 -2.40 35.25 23.81
C THR E 27 -1.22 35.55 22.89
N SER E 28 -0.69 36.77 23.03
CA SER E 28 0.40 37.26 22.22
C SER E 28 1.61 36.34 22.34
N THR E 29 1.72 35.55 23.43
CA THR E 29 2.96 34.80 23.58
C THR E 29 2.81 33.39 23.04
N ARG E 30 1.66 32.76 23.31
CA ARG E 30 1.42 31.43 22.77
C ARG E 30 1.43 31.54 21.25
N LEU E 31 0.90 32.64 20.75
CA LEU E 31 0.74 32.79 19.31
C LEU E 31 2.08 32.66 18.63
N MET E 32 3.10 33.27 19.24
CA MET E 32 4.44 33.23 18.68
C MET E 32 5.06 31.87 18.98
N SER E 33 4.86 31.38 20.21
CA SER E 33 5.38 30.08 20.57
C SER E 33 4.91 29.06 19.55
N THR E 34 3.63 29.18 19.17
CA THR E 34 3.04 28.18 18.30
C THR E 34 3.81 28.16 16.99
N LEU E 35 4.07 29.36 16.46
CA LEU E 35 4.62 29.55 15.14
C LEU E 35 6.03 28.99 15.12
N ASN E 36 6.75 29.16 16.23
CA ASN E 36 8.07 28.58 16.36
C ASN E 36 7.93 27.06 16.38
N ARG E 37 6.95 26.55 17.13
CA ARG E 37 6.75 25.10 17.17
C ARG E 37 6.57 24.59 15.76
N LEU E 38 5.65 25.24 15.03
CA LEU E 38 5.37 24.88 13.65
C LEU E 38 6.66 25.00 12.84
N GLY E 39 7.25 26.19 12.93
CA GLY E 39 8.43 26.53 12.14
C GLY E 39 9.46 25.42 12.18
N GLY E 40 9.61 24.80 13.36
CA GLY E 40 10.67 23.83 13.60
C GLY E 40 10.49 22.65 12.67
N ARG E 41 9.21 22.26 12.50
CA ARG E 41 8.90 21.13 11.65
C ARG E 41 9.11 21.54 10.19
N GLN E 42 8.64 22.74 9.82
CA GLN E 42 8.88 23.27 8.49
C GLN E 42 10.35 23.11 8.12
N VAL E 43 11.24 23.56 9.02
CA VAL E 43 12.67 23.53 8.82
C VAL E 43 13.12 22.09 8.61
N VAL E 44 12.53 21.15 9.38
CA VAL E 44 12.78 19.73 9.15
C VAL E 44 12.54 19.45 7.67
N SER E 45 11.28 19.72 7.26
CA SER E 45 10.77 19.37 5.95
C SER E 45 11.64 20.01 4.90
N ALA E 46 12.05 21.25 5.18
CA ALA E 46 12.75 22.06 4.22
C ALA E 46 14.20 21.62 4.14
N VAL E 47 14.64 20.82 5.14
CA VAL E 47 15.97 20.26 5.04
C VAL E 47 15.91 19.05 4.12
N LYS E 48 14.79 18.32 4.18
CA LYS E 48 14.59 17.15 3.34
C LYS E 48 14.50 17.66 1.90
N TRP E 49 13.73 18.73 1.76
CA TRP E 49 13.52 19.46 0.51
C TRP E 49 14.85 19.97 -0.01
N ALA E 50 15.71 20.42 0.92
CA ALA E 50 17.01 20.84 0.45
C ALA E 50 17.74 19.59 -0.02
N LYS E 51 17.63 18.52 0.76
CA LYS E 51 18.36 17.32 0.46
C LYS E 51 18.00 16.86 -0.95
N ALA E 52 16.72 17.03 -1.31
CA ALA E 52 16.22 16.54 -2.59
C ALA E 52 16.44 17.57 -3.70
N LEU E 53 17.32 18.56 -3.46
CA LEU E 53 17.58 19.53 -4.49
C LEU E 53 18.59 18.99 -5.49
N PRO E 54 18.24 19.02 -6.79
CA PRO E 54 19.24 18.87 -7.85
C PRO E 54 20.32 19.92 -7.61
N GLY E 55 21.57 19.47 -7.55
CA GLY E 55 22.67 20.40 -7.39
C GLY E 55 22.86 20.82 -5.93
N PHE E 56 22.40 19.93 -5.01
CA PHE E 56 22.48 20.26 -3.60
C PHE E 56 23.42 19.32 -2.86
N ARG E 57 23.20 18.00 -2.99
CA ARG E 57 23.97 17.05 -2.20
C ARG E 57 25.42 17.02 -2.68
N ASN E 58 25.62 17.58 -3.87
CA ASN E 58 26.93 17.76 -4.47
C ASN E 58 27.80 18.60 -3.53
N LEU E 59 27.18 19.64 -2.92
CA LEU E 59 27.91 20.60 -2.11
C LEU E 59 28.37 19.93 -0.81
N HIS E 60 29.46 20.45 -0.22
CA HIS E 60 30.03 19.74 0.91
C HIS E 60 29.31 20.12 2.19
N LEU E 61 29.26 19.15 3.11
CA LEU E 61 28.56 19.18 4.39
C LEU E 61 28.33 20.62 4.81
N ASP E 62 29.47 21.24 5.14
CA ASP E 62 29.55 22.52 5.79
C ASP E 62 28.69 23.49 5.02
N ASP E 63 28.89 23.57 3.70
CA ASP E 63 28.20 24.58 2.90
C ASP E 63 26.69 24.43 3.04
N GLN E 64 26.23 23.19 3.21
CA GLN E 64 24.80 22.92 3.31
C GLN E 64 24.31 23.35 4.69
N MET E 65 25.03 22.91 5.73
CA MET E 65 24.82 23.44 7.07
C MET E 65 24.69 24.95 6.93
N THR E 66 25.59 25.57 6.17
CA THR E 66 25.68 27.01 6.14
C THR E 66 24.49 27.61 5.40
N LEU E 67 24.33 27.27 4.12
CA LEU E 67 23.31 27.96 3.33
C LEU E 67 21.96 27.88 4.04
N LEU E 68 21.69 26.74 4.66
CA LEU E 68 20.43 26.50 5.35
C LEU E 68 20.40 27.36 6.61
N GLN E 69 21.47 27.30 7.41
CA GLN E 69 21.58 28.05 8.64
C GLN E 69 21.31 29.53 8.37
N TYR E 70 21.74 30.01 7.19
CA TYR E 70 21.72 31.43 6.90
C TYR E 70 20.40 31.86 6.27
N SER E 71 19.86 31.01 5.41
CA SER E 71 18.69 31.42 4.64
C SER E 71 17.45 30.78 5.23
N TRP E 72 17.62 29.94 6.25
CA TRP E 72 16.47 29.19 6.73
C TRP E 72 15.33 30.14 7.02
N MET E 73 15.66 31.21 7.74
CA MET E 73 14.65 32.21 8.00
C MET E 73 13.98 32.64 6.69
N SER E 74 14.81 32.93 5.68
CA SER E 74 14.37 33.48 4.41
C SER E 74 13.30 32.58 3.81
N LEU E 75 13.67 31.30 3.60
CA LEU E 75 12.82 30.34 2.92
C LEU E 75 11.48 30.30 3.65
N MET E 76 11.55 30.18 4.97
CA MET E 76 10.35 30.07 5.79
C MET E 76 9.51 31.31 5.55
N ALA E 77 10.20 32.46 5.54
CA ALA E 77 9.65 33.79 5.34
C ALA E 77 8.85 33.87 4.05
N PHE E 78 9.55 33.51 2.97
CA PHE E 78 9.02 33.58 1.62
C PHE E 78 7.66 32.90 1.57
N SER E 79 7.69 31.59 1.87
CA SER E 79 6.60 30.67 1.62
C SER E 79 5.32 31.17 2.27
N LEU E 80 5.47 31.76 3.46
CA LEU E 80 4.35 32.28 4.22
C LEU E 80 3.66 33.34 3.36
N GLY E 81 4.48 34.06 2.58
CA GLY E 81 3.98 35.11 1.72
C GLY E 81 3.05 34.52 0.68
N TRP E 82 3.52 33.44 0.04
CA TRP E 82 2.79 32.79 -1.04
C TRP E 82 1.43 32.32 -0.52
N ARG E 83 1.46 31.58 0.61
CA ARG E 83 0.22 31.10 1.21
C ARG E 83 -0.77 32.24 1.41
N SER E 84 -0.29 33.32 2.06
CA SER E 84 -1.17 34.40 2.50
C SER E 84 -1.73 35.15 1.30
N TYR E 85 -1.04 35.00 0.14
CA TYR E 85 -1.41 35.60 -1.12
C TYR E 85 -2.48 34.75 -1.81
N LYS E 86 -2.20 33.45 -1.93
CA LYS E 86 -3.06 32.57 -2.69
C LYS E 86 -4.29 32.23 -1.86
N GLN E 87 -4.26 32.52 -0.55
CA GLN E 87 -5.34 32.14 0.34
C GLN E 87 -6.37 33.26 0.53
N SER E 88 -5.93 34.52 0.54
CA SER E 88 -6.85 35.58 0.90
C SER E 88 -6.66 36.81 0.02
N ASN E 89 -5.67 36.76 -0.86
CA ASN E 89 -5.28 37.82 -1.77
C ASN E 89 -4.37 38.84 -1.08
N GLY E 90 -3.74 38.41 0.02
CA GLY E 90 -2.78 39.20 0.76
C GLY E 90 -3.35 39.63 2.11
N ASN E 91 -4.61 39.24 2.37
CA ASN E 91 -5.45 39.91 3.34
C ASN E 91 -5.23 39.37 4.75
N MET E 92 -5.22 38.03 4.93
CA MET E 92 -4.96 37.49 6.25
C MET E 92 -3.58 36.84 6.30
N LEU E 93 -3.04 36.75 7.52
CA LEU E 93 -1.91 35.90 7.81
C LEU E 93 -2.45 34.59 8.37
N CYS E 94 -2.41 33.54 7.55
CA CYS E 94 -2.71 32.20 8.01
C CYS E 94 -1.44 31.41 7.75
N PHE E 95 -0.95 30.80 8.82
CA PHE E 95 0.30 30.09 8.80
C PHE E 95 0.05 28.63 8.46
N ALA E 96 -1.11 28.09 8.85
CA ALA E 96 -1.61 26.82 8.34
C ALA E 96 -3.05 27.03 7.90
N PRO E 97 -3.70 26.05 7.23
CA PRO E 97 -5.09 26.22 6.81
C PRO E 97 -6.06 26.36 7.98
N ASP E 98 -5.57 26.11 9.19
CA ASP E 98 -6.37 26.22 10.40
C ASP E 98 -6.18 27.61 11.02
N LEU E 99 -5.02 28.22 10.75
CA LEU E 99 -4.56 29.38 11.53
C LEU E 99 -4.75 30.66 10.75
N VAL E 100 -5.87 31.34 11.04
CA VAL E 100 -6.23 32.56 10.34
C VAL E 100 -5.99 33.78 11.23
N ILE E 101 -4.96 34.55 10.89
CA ILE E 101 -4.64 35.74 11.66
C ILE E 101 -5.04 36.96 10.84
N ASN E 102 -6.17 37.55 11.19
CA ASN E 102 -6.80 38.62 10.41
C ASN E 102 -6.52 39.93 11.12
N GLU E 103 -7.41 40.91 10.95
CA GLU E 103 -7.08 42.26 11.38
C GLU E 103 -7.24 42.37 12.90
N GLU E 104 -8.31 41.73 13.40
CA GLU E 104 -8.49 41.63 14.83
C GLU E 104 -7.14 41.24 15.39
N ARG E 105 -6.58 40.15 14.85
CA ARG E 105 -5.34 39.58 15.34
C ARG E 105 -4.20 40.22 14.53
N MET E 106 -4.17 41.55 14.55
CA MET E 106 -3.02 42.32 14.10
C MET E 106 -2.75 43.41 15.14
N GLN E 107 -3.69 43.56 16.08
CA GLN E 107 -3.68 44.64 17.04
C GLN E 107 -3.47 44.01 18.41
N LEU E 108 -3.58 42.69 18.44
CA LEU E 108 -2.96 41.89 19.47
C LEU E 108 -1.56 42.41 19.72
N PRO E 109 -1.26 42.63 21.02
CA PRO E 109 0.01 43.18 21.49
C PRO E 109 1.27 42.65 20.85
N TYR E 110 2.17 43.57 20.52
CA TYR E 110 3.48 43.27 19.99
C TYR E 110 3.39 42.65 18.59
N MET E 111 2.20 42.64 17.99
CA MET E 111 2.05 41.79 16.84
C MET E 111 2.27 42.60 15.58
N TYR E 112 1.62 43.76 15.54
CA TYR E 112 1.60 44.67 14.42
C TYR E 112 2.86 44.58 13.58
N ASP E 113 4.00 45.00 14.16
CA ASP E 113 5.25 45.24 13.44
C ASP E 113 5.81 44.00 12.78
N GLN E 114 5.95 42.93 13.57
CA GLN E 114 6.60 41.73 13.08
C GLN E 114 5.85 41.26 11.84
N CYS E 115 4.51 41.32 11.93
CA CYS E 115 3.65 40.89 10.85
C CYS E 115 4.06 41.65 9.60
N GLN E 116 3.88 42.97 9.67
CA GLN E 116 3.83 43.80 8.48
C GLN E 116 5.00 43.50 7.57
N GLN E 117 6.13 43.03 8.11
CA GLN E 117 7.30 42.92 7.27
C GLN E 117 7.24 41.64 6.43
N MET E 118 6.54 40.64 6.97
CA MET E 118 6.32 39.43 6.21
C MET E 118 5.17 39.66 5.23
N LEU E 119 4.21 40.50 5.65
CA LEU E 119 3.02 40.84 4.89
C LEU E 119 3.38 41.78 3.74
N LYS E 120 4.58 42.35 3.77
CA LYS E 120 4.98 43.15 2.62
C LYS E 120 5.59 42.23 1.57
N ILE E 121 6.13 41.10 2.02
CA ILE E 121 6.51 40.05 1.08
C ILE E 121 5.26 39.43 0.46
N SER E 122 4.22 39.24 1.28
CA SER E 122 2.89 38.79 0.89
C SER E 122 2.19 39.81 0.00
N SER E 123 2.73 41.02 -0.06
CA SER E 123 2.11 42.15 -0.73
C SER E 123 2.84 42.48 -2.03
N GLU E 124 4.14 42.19 -2.02
CA GLU E 124 4.93 42.19 -3.25
C GLU E 124 4.37 41.15 -4.20
N PHE E 125 3.86 40.04 -3.67
CA PHE E 125 3.26 38.98 -4.49
C PHE E 125 2.08 39.49 -5.33
N VAL E 126 0.94 39.69 -4.68
CA VAL E 126 -0.31 40.05 -5.33
C VAL E 126 -0.20 41.40 -6.05
N ARG E 127 0.80 42.24 -5.72
CA ARG E 127 1.03 43.39 -6.58
C ARG E 127 1.64 42.94 -7.90
N LEU E 128 2.45 41.87 -7.86
CA LEU E 128 3.22 41.42 -9.01
C LEU E 128 2.60 40.18 -9.65
N GLN E 129 1.46 39.72 -9.11
CA GLN E 129 0.68 38.62 -9.65
C GLN E 129 1.62 37.48 -10.01
N VAL E 130 2.20 36.84 -8.98
CA VAL E 130 3.25 35.88 -9.23
C VAL E 130 2.58 34.52 -9.44
N SER E 131 3.01 33.83 -10.51
CA SER E 131 2.60 32.47 -10.80
C SER E 131 3.38 31.50 -9.93
N TYR E 132 2.88 30.27 -9.91
CA TYR E 132 3.41 29.20 -9.08
C TYR E 132 4.84 28.83 -9.48
N ASP E 133 5.10 28.58 -10.76
CA ASP E 133 6.42 28.13 -11.16
C ASP E 133 7.47 29.17 -10.77
N GLU E 134 7.10 30.45 -10.85
CA GLU E 134 7.98 31.56 -10.51
C GLU E 134 8.39 31.43 -9.03
N TYR E 135 7.36 31.39 -8.18
CA TYR E 135 7.50 31.23 -6.74
C TYR E 135 8.50 30.12 -6.38
N LEU E 136 8.24 28.91 -6.88
CA LEU E 136 9.11 27.78 -6.59
C LEU E 136 10.55 28.17 -6.90
N CYS E 137 10.77 28.81 -8.05
CA CYS E 137 12.10 29.05 -8.57
C CYS E 137 12.85 30.03 -7.69
N MET E 138 12.12 31.07 -7.24
CA MET E 138 12.70 32.12 -6.41
C MET E 138 13.10 31.52 -5.06
N LYS E 139 12.22 30.71 -4.49
CA LYS E 139 12.47 30.09 -3.20
C LYS E 139 13.83 29.40 -3.25
N VAL E 140 14.09 28.71 -4.37
CA VAL E 140 15.33 27.98 -4.45
C VAL E 140 16.46 28.98 -4.30
N LEU E 141 16.24 30.20 -4.81
CA LEU E 141 17.27 31.22 -4.83
C LEU E 141 17.57 31.71 -3.41
N LEU E 142 16.52 32.15 -2.69
CA LEU E 142 16.66 32.56 -1.29
C LEU E 142 17.65 31.65 -0.57
N LEU E 143 17.57 30.35 -0.87
CA LEU E 143 18.48 29.42 -0.24
C LEU E 143 19.91 29.79 -0.62
N LEU E 144 20.06 30.30 -1.85
CA LEU E 144 21.38 30.62 -2.34
C LEU E 144 21.56 32.14 -2.41
N SER E 145 20.86 32.87 -1.54
CA SER E 145 20.93 34.32 -1.65
C SER E 145 21.56 34.93 -0.39
N THR E 146 21.76 34.10 0.65
CA THR E 146 22.27 34.60 1.92
C THR E 146 23.46 33.76 2.34
N VAL E 147 24.64 34.40 2.35
CA VAL E 147 25.91 33.69 2.39
C VAL E 147 26.93 34.48 3.23
N PRO E 148 27.99 33.84 3.75
CA PRO E 148 28.99 34.53 4.57
C PRO E 148 29.86 35.53 3.82
N LYS E 149 30.45 36.49 4.55
CA LYS E 149 31.36 37.45 3.94
C LYS E 149 32.68 36.76 3.56
N ASP E 150 33.02 35.67 4.26
CA ASP E 150 34.36 35.09 4.17
C ASP E 150 34.31 33.76 3.43
N GLY E 151 33.82 33.80 2.19
CA GLY E 151 33.74 32.62 1.34
C GLY E 151 32.79 31.56 1.90
N LEU E 152 32.86 30.36 1.29
CA LEU E 152 31.97 29.24 1.59
C LEU E 152 32.76 27.92 1.61
N GLN E 155 32.59 26.26 -3.38
CA GLN E 155 32.35 27.62 -3.95
C GLN E 155 31.70 27.53 -5.33
N ALA E 156 32.49 27.25 -6.38
CA ALA E 156 32.16 27.52 -7.77
C ALA E 156 30.99 26.66 -8.27
N VAL E 157 31.03 25.37 -7.89
CA VAL E 157 29.84 24.56 -7.73
C VAL E 157 28.64 25.51 -7.63
N PHE E 158 28.71 26.37 -6.61
CA PHE E 158 27.60 27.22 -6.19
C PHE E 158 27.16 28.06 -7.37
N ASP E 159 28.03 28.99 -7.79
CA ASP E 159 27.67 30.01 -8.76
C ASP E 159 27.06 29.36 -9.99
N GLU E 160 27.46 28.11 -10.26
CA GLU E 160 26.95 27.40 -11.41
C GLU E 160 25.49 27.02 -11.16
N ILE E 161 25.26 26.43 -9.99
CA ILE E 161 23.96 25.96 -9.60
C ILE E 161 23.02 27.16 -9.50
N ARG E 162 23.53 28.26 -8.93
CA ARG E 162 22.80 29.50 -8.79
C ARG E 162 22.34 29.97 -10.18
N MET E 163 23.22 29.84 -11.18
CA MET E 163 22.88 30.31 -12.51
C MET E 163 21.76 29.43 -13.04
N THR E 164 21.93 28.11 -12.89
CA THR E 164 20.92 27.17 -13.35
C THR E 164 19.53 27.68 -12.95
N TYR E 165 19.42 28.11 -11.69
CA TYR E 165 18.11 28.38 -11.12
C TYR E 165 17.58 29.73 -11.58
N ILE E 166 18.46 30.56 -12.13
CA ILE E 166 18.08 31.86 -12.67
C ILE E 166 17.51 31.64 -14.06
N LYS E 167 18.28 30.92 -14.90
CA LYS E 167 17.84 30.54 -16.23
C LYS E 167 16.46 29.92 -16.08
N GLU E 168 16.25 29.27 -14.93
CA GLU E 168 14.99 28.60 -14.64
C GLU E 168 13.90 29.63 -14.39
N LEU E 169 14.22 30.71 -13.67
CA LEU E 169 13.21 31.73 -13.46
C LEU E 169 12.92 32.41 -14.79
N GLY E 170 13.97 32.52 -15.61
CA GLY E 170 13.79 33.03 -16.96
C GLY E 170 12.75 32.16 -17.64
N LYS E 171 12.98 30.85 -17.51
CA LYS E 171 12.13 29.82 -18.09
C LYS E 171 10.71 29.94 -17.58
N ALA E 172 10.56 30.25 -16.28
CA ALA E 172 9.26 30.24 -15.62
C ALA E 172 8.38 31.39 -16.09
N ILE E 173 9.01 32.53 -16.40
CA ILE E 173 8.29 33.70 -16.91
C ILE E 173 7.93 33.45 -18.36
N VAL E 174 8.93 32.93 -19.10
CA VAL E 174 8.86 32.58 -20.52
C VAL E 174 7.64 31.69 -20.70
N LYS E 175 7.24 31.04 -19.62
CA LYS E 175 6.07 30.19 -19.64
C LYS E 175 4.83 31.09 -19.56
N TRP E 184 10.76 41.92 -20.33
CA TRP E 184 12.08 41.76 -19.57
C TRP E 184 12.77 42.84 -18.65
N GLN E 185 12.33 43.27 -17.41
CA GLN E 185 11.20 44.06 -16.94
C GLN E 185 10.53 43.25 -15.86
N ARG E 186 10.08 42.07 -16.27
CA ARG E 186 9.51 41.06 -15.41
C ARG E 186 10.62 40.20 -14.80
N PHE E 187 11.76 40.07 -15.49
CA PHE E 187 12.94 39.62 -14.78
C PHE E 187 13.28 40.69 -13.75
N TYR E 188 13.32 41.95 -14.21
CA TYR E 188 13.63 43.09 -13.34
C TYR E 188 12.70 43.08 -12.12
N GLN E 189 11.39 43.15 -12.41
CA GLN E 189 10.35 43.44 -11.42
C GLN E 189 10.26 42.33 -10.37
N LEU E 190 11.02 41.23 -10.51
CA LEU E 190 10.99 40.16 -9.53
C LEU E 190 12.38 40.00 -8.89
N THR E 191 13.42 40.29 -9.67
CA THR E 191 14.76 40.21 -9.11
C THR E 191 15.05 41.46 -8.28
N LYS E 192 14.11 42.41 -8.25
CA LYS E 192 14.21 43.49 -7.28
C LYS E 192 13.73 42.96 -5.93
N LEU E 193 12.80 42.00 -6.00
CA LEU E 193 12.24 41.35 -4.83
C LEU E 193 13.24 40.32 -4.29
N LEU E 194 13.98 39.66 -5.18
CA LEU E 194 14.98 38.69 -4.71
C LEU E 194 16.03 39.41 -3.87
N ASP E 195 16.20 40.70 -4.15
CA ASP E 195 17.20 41.47 -3.41
C ASP E 195 16.62 41.86 -2.06
N SER E 196 15.39 42.37 -2.08
CA SER E 196 14.83 43.12 -0.98
C SER E 196 14.46 42.20 0.18
N MET E 197 14.65 40.90 0.01
CA MET E 197 14.29 39.98 1.08
C MET E 197 15.36 40.06 2.16
N HIS E 198 16.63 40.04 1.74
CA HIS E 198 17.76 40.07 2.64
C HIS E 198 17.76 41.40 3.39
N GLU E 199 16.96 42.36 2.94
CA GLU E 199 16.66 43.51 3.77
C GLU E 199 15.45 43.17 4.64
N MET E 200 14.75 42.08 4.34
CA MET E 200 13.61 41.84 5.19
C MET E 200 13.88 40.70 6.15
N VAL E 201 14.92 39.91 5.84
CA VAL E 201 15.25 38.76 6.64
C VAL E 201 15.95 39.25 7.91
N GLY E 202 16.71 40.33 7.77
CA GLY E 202 17.26 41.07 8.90
C GLY E 202 16.20 41.38 9.96
N GLY E 203 15.18 42.15 9.55
CA GLY E 203 14.10 42.52 10.44
C GLY E 203 13.62 41.32 11.26
N LEU E 204 13.58 40.16 10.61
CA LEU E 204 12.96 38.98 11.18
C LEU E 204 13.98 38.24 12.03
N LEU E 205 15.12 37.94 11.42
CA LEU E 205 16.15 37.15 12.07
C LEU E 205 16.52 37.83 13.40
N GLN E 206 16.65 39.17 13.36
CA GLN E 206 17.05 39.87 14.57
C GLN E 206 15.97 39.64 15.62
N PHE E 207 14.74 40.14 15.31
CA PHE E 207 13.58 39.97 16.16
C PHE E 207 13.52 38.54 16.69
N CYS E 208 14.05 37.60 15.91
CA CYS E 208 14.03 36.21 16.31
C CYS E 208 15.04 36.01 17.44
N PHE E 209 16.28 36.48 17.24
CA PHE E 209 17.36 36.27 18.18
C PHE E 209 16.99 36.93 19.51
N TYR E 210 16.23 38.04 19.43
CA TYR E 210 15.88 38.73 20.64
C TYR E 210 15.10 37.78 21.53
N THR E 211 13.94 37.36 21.02
CA THR E 211 13.03 36.50 21.75
C THR E 211 13.76 35.23 22.18
N PHE E 212 14.83 34.91 21.46
CA PHE E 212 15.50 33.65 21.73
C PHE E 212 16.32 33.76 23.01
N VAL E 213 17.24 34.74 23.08
CA VAL E 213 18.19 34.79 24.20
C VAL E 213 17.53 35.39 25.45
N ASN E 214 16.58 36.30 25.26
CA ASN E 214 15.75 36.77 26.36
C ASN E 214 14.71 35.72 26.68
N LYS E 215 15.17 34.65 27.34
CA LYS E 215 14.34 33.55 27.83
C LYS E 215 13.16 34.06 28.64
N SER E 216 13.30 35.21 29.30
CA SER E 216 12.27 35.65 30.24
C SER E 216 11.15 36.41 29.54
N LEU E 217 10.96 36.06 28.26
CA LEU E 217 9.79 36.45 27.50
C LEU E 217 8.89 35.21 27.37
N SER E 218 9.31 34.13 28.02
CA SER E 218 8.54 32.89 27.98
C SER E 218 8.02 32.64 26.55
N VAL E 219 8.89 32.64 25.55
CA VAL E 219 8.55 32.14 24.23
C VAL E 219 9.27 30.82 24.06
N GLU E 220 8.59 29.82 23.46
CA GLU E 220 9.21 28.53 23.25
C GLU E 220 9.64 28.36 21.80
N PHE E 221 10.81 27.74 21.58
CA PHE E 221 11.29 27.34 20.27
C PHE E 221 11.67 25.87 20.32
N PRO E 222 11.15 25.02 19.41
CA PRO E 222 11.43 23.59 19.46
C PRO E 222 12.92 23.34 19.26
N GLU E 223 13.41 22.25 19.88
CA GLU E 223 14.84 21.99 20.03
C GLU E 223 15.57 22.20 18.70
N MET E 224 14.91 21.85 17.59
CA MET E 224 15.50 22.01 16.28
C MET E 224 15.99 23.44 16.12
N LEU E 225 15.05 24.38 16.19
CA LEU E 225 15.33 25.78 15.89
C LEU E 225 16.40 26.29 16.85
N ALA E 226 16.25 25.91 18.13
CA ALA E 226 17.15 26.36 19.18
C ALA E 226 18.59 26.12 18.80
N GLU E 227 18.93 24.88 18.46
CA GLU E 227 20.31 24.48 18.24
C GLU E 227 20.91 25.32 17.11
N ILE E 228 20.07 25.59 16.13
CA ILE E 228 20.54 26.34 14.98
C ILE E 228 20.80 27.78 15.43
N ILE E 229 19.90 28.34 16.24
CA ILE E 229 19.99 29.72 16.68
C ILE E 229 21.16 29.90 17.66
N SER E 230 21.29 28.96 18.60
CA SER E 230 22.35 29.08 19.59
C SER E 230 23.71 29.00 18.91
N ASN E 231 23.77 28.38 17.73
CA ASN E 231 25.00 28.20 16.98
C ASN E 231 25.21 29.30 15.93
N GLN E 232 24.11 29.93 15.49
CA GLN E 232 24.09 30.94 14.43
C GLN E 232 24.41 32.33 14.98
N LEU E 233 24.33 32.46 16.31
CA LEU E 233 24.37 33.72 17.03
C LEU E 233 25.72 34.43 16.88
N PRO E 234 26.86 33.82 17.28
CA PRO E 234 28.14 34.54 17.29
C PRO E 234 28.57 35.05 15.91
N LYS E 235 28.33 34.22 14.89
CA LYS E 235 28.77 34.51 13.54
C LYS E 235 27.98 35.70 13.02
N PHE E 236 26.71 35.77 13.42
CA PHE E 236 25.83 36.82 12.95
C PHE E 236 26.09 38.10 13.74
N LYS E 237 26.61 37.94 14.96
CA LYS E 237 26.94 39.08 15.79
C LYS E 237 28.19 39.74 15.23
N ALA E 238 29.21 38.92 14.94
CA ALA E 238 30.49 39.36 14.42
C ALA E 238 30.28 40.12 13.11
N GLY E 239 29.48 39.56 12.20
CA GLY E 239 28.96 40.30 11.05
C GLY E 239 29.26 39.61 9.71
N SER E 240 28.98 38.31 9.63
CA SER E 240 29.44 37.53 8.49
C SER E 240 28.31 37.19 7.51
N VAL E 241 27.47 38.17 7.15
CA VAL E 241 26.40 37.92 6.19
C VAL E 241 26.43 38.88 5.00
N LYS E 242 26.84 38.36 3.82
CA LYS E 242 26.79 39.15 2.60
C LYS E 242 25.86 38.46 1.61
N PRO E 243 24.75 39.10 1.19
CA PRO E 243 23.96 38.60 0.06
C PRO E 243 24.53 38.99 -1.31
N LEU E 244 24.68 38.00 -2.21
CA LEU E 244 25.40 38.18 -3.48
C LEU E 244 24.42 38.14 -4.65
N LEU E 245 24.39 39.22 -5.45
CA LEU E 245 23.31 39.46 -6.38
C LEU E 245 23.86 40.01 -7.69
N PRO F 2 25.18 22.14 15.66
CA PRO F 2 23.72 21.96 15.45
C PRO F 2 23.28 20.49 15.35
N ALA F 3 23.08 19.88 16.54
CA ALA F 3 23.04 18.45 16.80
C ALA F 3 22.09 17.69 15.88
N ILE F 4 20.84 18.15 15.83
CA ILE F 4 19.82 17.45 15.07
C ILE F 4 20.12 17.68 13.59
N LEU F 5 20.33 18.96 13.29
CA LEU F 5 20.46 19.43 11.93
C LEU F 5 21.59 18.68 11.25
N TYR F 6 22.47 18.09 12.05
CA TYR F 6 23.63 17.39 11.52
C TYR F 6 23.24 15.97 11.19
N ALA F 7 22.85 15.21 12.22
CA ALA F 7 22.56 13.79 12.05
C ALA F 7 21.51 13.58 10.96
N LEU F 8 20.93 14.68 10.43
CA LEU F 8 19.97 14.63 9.33
C LEU F 8 20.72 14.60 8.00
N LEU F 9 21.59 15.59 7.79
CA LEU F 9 22.49 15.53 6.65
C LEU F 9 23.62 14.53 7.00
N SER F 10 23.20 13.30 7.33
CA SER F 10 24.08 12.18 7.64
C SER F 10 23.27 10.88 7.73
C1 DEX G . -10.53 -26.86 -1.22
C2 DEX G . -11.11 -27.60 -0.28
C3 DEX G . -12.55 -27.73 -0.22
C4 DEX G . -13.28 -27.36 -1.41
C5 DEX G . -12.75 -26.58 -2.34
C6 DEX G . -13.65 -25.94 -3.38
C7 DEX G . -13.40 -24.44 -3.47
C8 DEX G . -11.91 -24.14 -3.64
C9 DEX G . -11.11 -24.73 -2.45
C10 DEX G . -11.26 -26.30 -2.40
C11 DEX G . -9.69 -24.16 -2.24
C12 DEX G . -9.53 -22.69 -2.63
C13 DEX G . -10.21 -22.32 -3.94
C14 DEX G . -11.70 -22.65 -3.76
C15 DEX G . -12.39 -21.94 -4.92
C16 DEX G . -11.60 -20.64 -5.14
C17 DEX G . -10.32 -20.79 -4.24
C18 DEX G . -9.57 -23.06 -5.14
C19 DEX G . -10.63 -27.03 -3.64
C20 DEX G . -9.04 -20.26 -4.87
C21 DEX G . -7.99 -19.72 -3.91
C22 DEX G . -12.44 -19.43 -4.81
F1 DEX G . -11.77 -24.29 -1.27
O1 DEX G . -13.15 -28.12 0.79
O2 DEX G . -8.72 -25.01 -2.84
O3 DEX G . -10.51 -20.17 -2.95
O4 DEX G . -8.82 -20.24 -6.06
O5 DEX G . -6.70 -20.14 -4.31
C1 CPS H . -32.08 -42.56 -24.90
C2 CPS H . -32.63 -43.85 -24.27
C3 CPS H . -34.20 -42.45 -22.76
C4 CPS H . -34.77 -42.28 -21.35
C5 CPS H . -35.57 -43.51 -20.94
C6 CPS H . -34.66 -44.75 -21.09
C7 CPS H . -35.51 -45.89 -20.52
C8 CPS H . -36.24 -45.21 -19.34
C9 CPS H . -35.87 -43.70 -19.43
C10 CPS H . -36.88 -43.57 -21.75
C11 CPS H . -33.64 -44.45 -25.26
C12 CPS H . -30.87 -41.94 -24.20
C13 CPS H . -29.80 -42.96 -23.86
C14 CPS H . -30.39 -44.13 -23.15
C15 CPS H . -31.45 -44.82 -24.01
C16 CPS H . -31.91 -46.14 -23.34
C17 CPS H . -33.11 -46.17 -22.39
C18 CPS H . -34.01 -44.94 -22.44
C19 CPS H . -33.27 -43.65 -22.87
C20 CPS H . -36.82 -42.73 -18.71
C21 CPS H . -36.18 -42.23 -17.42
C22 CPS H . -38.24 -43.29 -18.46
C23 CPS H . -38.33 -44.78 -18.20
C24 CPS H . -38.19 -45.25 -16.76
C25 CPS H . -38.35 -44.58 -14.39
C26 CPS H . -39.82 -44.80 -14.14
C27 CPS H . -40.12 -45.17 -12.69
C28 CPS H . -37.82 -45.68 -12.00
C29 CPS H . -39.67 -46.58 -10.73
C30 CPS H . -39.22 -47.46 -12.99
C31 CPS H . -40.30 -48.48 -12.73
C32 CPS H . -40.08 -49.81 -13.45
N1 CPS H . -38.08 -44.32 -15.80
N2 CPS H . -39.20 -46.23 -12.09
O1 CPS H . -38.19 -46.46 -16.49
O2 CPS H . -28.82 -42.36 -22.99
O3 CPS H . -32.67 -46.31 -21.03
O4 CPS H . -33.65 -42.09 -20.46
O2S CPS H . -38.34 -51.70 -13.11
O3S CPS H . -38.99 -50.42 -11.19
O1S CPS H . -40.50 -52.01 -12.15
S CPS H . -39.42 -51.09 -12.38
S SO4 I . -8.56 -42.26 1.18
O1 SO4 I . -9.74 -42.32 2.00
O2 SO4 I . -7.97 -43.57 1.12
O3 SO4 I . -7.62 -41.33 1.74
O4 SO4 I . -8.93 -41.84 -0.15
C1 DEX J . -2.79 6.29 -1.41
C2 DEX J . -3.10 6.97 -0.31
C3 DEX J . -2.81 6.41 1.02
C4 DEX J . -2.66 4.96 1.07
C5 DEX J . -2.38 4.25 -0.03
C6 DEX J . -2.07 2.78 0.06
C7 DEX J . -2.99 1.97 -0.86
C8 DEX J . -3.05 2.51 -2.30
C9 DEX J . -3.36 4.01 -2.33
C10 DEX J . -2.37 4.85 -1.42
C11 DEX J . -3.73 4.59 -3.73
C12 DEX J . -4.66 3.69 -4.55
C13 DEX J . -4.27 2.21 -4.54
C14 DEX J . -4.14 1.78 -3.06
C15 DEX J . -4.08 0.25 -3.14
C16 DEX J . -5.09 -0.11 -4.24
C17 DEX J . -5.37 1.22 -5.03
C18 DEX J . -2.99 1.96 -5.36
C19 DEX J . -0.89 4.81 -1.91
C20 DEX J . -5.29 1.11 -6.55
C21 DEX J . -6.21 1.99 -7.38
C22 DEX J . -6.26 -0.90 -3.69
F1 DEX J . -4.62 4.14 -1.67
O1 DEX J . -2.66 7.12 2.01
O2 DEX J . -2.56 4.92 -4.44
O3 DEX J . -6.63 1.76 -4.66
O4 DEX J . -4.48 0.41 -7.11
O5 DEX J . -5.56 2.43 -8.56
C1 CPS K . 19.13 -9.09 21.88
C2 CPS K . 18.84 -10.60 21.75
C3 CPS K . 20.43 -10.85 19.70
C4 CPS K . 20.64 -11.33 18.25
C5 CPS K . 20.17 -12.78 18.04
C6 CPS K . 18.73 -12.89 18.61
C7 CPS K . 18.21 -14.21 18.07
C8 CPS K . 18.68 -14.16 16.61
C9 CPS K . 19.96 -13.28 16.57
C10 CPS K . 21.15 -13.72 18.75
C11 CPS K . 19.77 -11.36 22.72
C12 CPS K . 18.23 -8.23 21.02
C13 CPS K . 16.77 -8.44 21.37
C14 CPS K . 16.40 -9.91 21.35
C15 CPS K . 17.36 -10.82 22.15
C16 CPS K . 16.97 -12.30 22.03
C17 CPS K . 17.21 -12.87 20.63
C18 CPS K . 18.62 -12.58 20.09
C19 CPS K . 19.03 -11.10 20.28
C20 CPS K . 21.14 -14.01 15.88
C21 CPS K . 22.50 -13.50 16.37
C22 CPS K . 21.02 -13.94 14.36
C23 CPS K . 22.30 -14.29 13.62
C24 CPS K . 22.36 -13.84 12.18
C25 CPS K . 21.81 -12.00 10.60
C26 CPS K . 23.17 -11.32 10.58
C27 CPS K . 23.50 -10.65 9.25
C28 CPS K . 25.20 -9.08 8.33
C29 CPS K . 25.73 -10.43 10.24
C30 CPS K . 25.47 -11.51 8.04
C31 CPS K . 24.96 -12.91 8.32
C32 CPS K . 25.96 -14.00 8.03
N1 CPS K . 21.62 -12.77 11.84
N2 CPS K . 24.97 -10.41 8.97
O1 CPS K . 23.05 -14.42 11.34
O2 CPS K . 15.92 -7.69 20.47
O3 CPS K . 16.22 -12.37 19.70
O4 CPS K . 19.99 -10.40 17.35
O2S CPS K . 24.10 -15.66 7.37
O3S CPS K . 26.30 -16.55 7.74
O1S CPS K . 24.97 -15.81 9.59
S CPS K . 25.28 -15.64 8.20
S SO4 L . 8.13 16.13 4.03
O1 SO4 L . 8.09 14.70 3.95
O2 SO4 L . 7.24 16.57 5.07
O3 SO4 L . 9.49 16.56 4.29
O4 SO4 L . 7.69 16.69 2.78
S SO4 M . 24.45 11.76 1.49
O1 SO4 M . 23.56 11.65 2.62
O2 SO4 M . 24.35 10.56 0.68
O3 SO4 M . 25.79 11.89 1.97
O4 SO4 M . 24.09 12.91 0.69
C1 DEX N . 7.62 29.81 10.94
C2 DEX N . 6.46 29.61 10.33
C3 DEX N . 6.02 30.55 9.32
C4 DEX N . 7.05 31.35 8.68
C5 DEX N . 8.13 31.70 9.39
C6 DEX N . 8.95 32.90 9.01
C7 DEX N . 9.09 33.89 10.17
C8 DEX N . 9.34 33.22 11.53
C9 DEX N . 8.35 32.08 11.80
C10 DEX N . 8.50 30.99 10.67
C11 DEX N . 8.23 31.59 13.26
C12 DEX N . 8.20 32.76 14.26
C13 DEX N . 9.37 33.73 14.09
C14 DEX N . 9.33 34.27 12.64
C15 DEX N . 10.42 35.33 12.63
C16 DEX N . 10.23 36.06 13.98
C17 DEX N . 9.27 35.12 14.80
C18 DEX N . 10.72 33.05 14.42
C19 DEX N . 9.95 30.42 10.51
C20 DEX N . 9.63 35.08 16.28
C21 DEX N . 8.50 34.83 17.26
C22 DEX N . 9.79 37.51 13.82
F1 DEX N . 7.02 32.59 11.61
O1 DEX N . 4.82 30.67 9.04
O2 DEX N . 9.30 30.68 13.51
O3 DEX N . 7.92 35.56 14.67
O4 DEX N . 10.74 35.31 16.69
O5 DEX N . 8.80 35.42 18.50
#